data_8YH2
#
_entry.id   8YH2
#
_cell.length_a   1.00
_cell.length_b   1.00
_cell.length_c   1.00
_cell.angle_alpha   90.00
_cell.angle_beta   90.00
_cell.angle_gamma   90.00
#
_symmetry.space_group_name_H-M   'P 1'
#
loop_
_entity.id
_entity.type
_entity.pdbx_description
1 polymer 'Guanine nucleotide-binding protein G(I)/G(S)/G(T) subunit beta-1'
2 polymer 'Guanine nucleotide-binding protein G(I)/G(S)/G(O) subunit gamma-2,Guanine nucleotide-binding protein G(i) subunit alpha-1 chimera'
3 polymer 'Hemagglutinin,Adenosine receptor A3,GFP chimera'
4 polymer scfv16
5 non-polymer ADENOSINE
#
loop_
_entity_poly.entity_id
_entity_poly.type
_entity_poly.pdbx_seq_one_letter_code
_entity_poly.pdbx_strand_id
1 'polypeptide(L)'
;MGSLLQSELDQLRQEAEQLKNQIRDARKACADATLSQITNNIDPVGRIQMRTRRTLRGHLAKIYAMHWGTDSRLLVSASQ
DGKLIIWDSYTTNKVHAIPLRSSWVMTCAYAPSGNYVACGGLDNICSIYNLKTREGNVRVSRELAGHTGYLSCCRFLDDN
QIVTSSGDTTCALWDIETGQQTTTFTGHTGDVMSLSLAPDTRLFVSGACDASAKLWDVREGMCRQTFTGHESDINAICFF
PNGNAFATGSDDATCRLFDLRADQELMTYSHDNIICGITSVSFSKSGRLLLAGYDDFNCNVWDALKADRAGVLAGHDNRV
SCLGVTDDGMAVATGSWDSFLKIWNGASGGGSGGNSGSSGGSSGVSGWRLFKKIS
;
B
2 'polypeptide(L)'
;MASNNTASIAQARKLVEQLKMEANIDRIKVSKAAADLMAYCEAHAKEDPLLTPVPASENPFREKKFFCAILGSAGSAGSA
MCTLSAEDKAAVERSKMIDRNLREDGEKAAREVKLLLLGAGESGKSTIVKQMKIIHEAGYSEEECKQYKAVVYSNTIQSI
IAIIRAMGRLKIDFGDSARADDARQLFVLAGAAEEGFMTAELAGVIKRLWKDSGVQACFNRSREYQLNDSAAYYLNDLDR
IAQPNYIPTQQDVLRTRVKTTGIVETHFTFKDLHFKMFDVGGQRSERKKWIHCFEGVTAIIFCVALSDYDLVLAEDEEMN
RMHESMKLFDSICNNKWFTDTSIILFLNKKDLFEEKIKKSPLTICYPEYAGSNTYEEAAAYIQCQFEDLNKRKDTKEIYT
HFTCATDTKNVQFVFDAVTDVIIKNNLKDCGLF
;
G,A
3 'polypeptide(L)'
;MKTIIALSYIFCLVFADYKDDDDAMGPVNSTAVSWTSVTYITVEILIGLCAIVGNVLVIWVVKLNPSLQTTTFYFIVSLA
LADIAVGVLVMPLAIVISLGVTIHFYSCLFMTCLMLIFTHASIMSLLAIAVDRYLRVKLTVRYRRVTTQRRIWLALGLCW
LVSFLVGLTPMFGWNMKLSSADENLTFLPCRFRSVMRMDYMVYFSFFLWILVPLVVMCAIYFDIFYIIRNRLSQSFSGSR
ETGAFYGREFKTAKSLLLVLFLFALCWLPLSIINCILYFDGQVPQTVLYLGILLSHANSMMNPIVYAYKIKKFKETYLLI
LKACVICQPSKSMDPSTEQTSEGSGGGGSGGSSSGGVFTLEDFVGDWEQTAAYNLDQVLEQGGVSSLLQNLAVSVTPIQR
IVRSGENALKIDIHVIIPYEGLSADQMAQIEEVFKVVYPVDDHHFKVILPYGTLVIDGVTPNMLNYFGRPYEGIAVFDGK
KITVTGTLWNGNKIIDERLITPDGSMLFRVTINSGGSGGGGSGGSSSGGLEVLFQGPGSAAAAVSKGEELFTGVVPILVE
LDGDVNGHKFSVSGEGEGDATYGKLTLKFICTTGKLPVPWPTLVTTLTYGVQCFSRYPDHMKQHDFFKSAMPEGYVQERT
IFFKDDGNYKTRAEVKFEGDTLVNRIELKGIDFKEDGNILGHKLEYNYNSHNVYIMADKQKNGIKVNFKIRHNIEDGSVQ
LADHYQQNTPIGDGPVLLPDNHYLSTQSKLSKDPNEKRDHMVLLEFVTAAGITLGMDELYKSGLRSHHHHHHHH
;
R
4 'polypeptide(L)'
;DVQLVESGGGLVQPGGSRKLSCSASGFAFSSFGMHWVRQAPEKGLEWVAYISSGSGTIYYADTVKGRFTISRDDPKNTLF
LQMTSLRSEDTAMYYCVRSIYYYGSSPFDFWGQGTTLTVSSGGGGSGGGGSGGGGSDIVMTQATSSVPVTPGESVSISCR
SSKSLLHSNGNTYLYWFLQRPGQSPQLLIYRMSNLASGVPDRFSGSGSGTAFTLTISRLEAEDVGVYYCMQHLEYPLTFG
AGTKLELKAAAASSEDLYFQ
;
S
#
# COMPACT_ATOMS: atom_id res chain seq x y z
N ASP A 10 -1.07 -58.37 -8.51
CA ASP A 10 -0.36 -57.11 -8.88
C ASP A 10 1.09 -57.15 -8.40
N GLN A 11 1.98 -56.54 -9.19
CA GLN A 11 3.40 -56.49 -8.86
C GLN A 11 3.90 -55.07 -8.63
N LEU A 12 3.60 -54.14 -9.54
CA LEU A 12 4.03 -52.76 -9.34
C LEU A 12 3.24 -52.09 -8.22
N ARG A 13 1.92 -52.27 -8.22
CA ARG A 13 1.11 -51.72 -7.13
C ARG A 13 1.48 -52.36 -5.81
N GLN A 14 1.62 -53.68 -5.79
CA GLN A 14 1.99 -54.38 -4.56
C GLN A 14 3.37 -53.95 -4.08
N GLU A 15 4.33 -53.84 -4.99
CA GLU A 15 5.67 -53.43 -4.61
C GLU A 15 5.67 -52.01 -4.03
N ALA A 16 4.96 -51.09 -4.69
CA ALA A 16 4.89 -49.72 -4.18
C ALA A 16 4.25 -49.69 -2.80
N GLU A 17 3.14 -50.41 -2.63
CA GLU A 17 2.43 -50.40 -1.36
C GLU A 17 3.29 -50.98 -0.25
N GLN A 18 3.89 -52.16 -0.48
CA GLN A 18 4.70 -52.79 0.55
C GLN A 18 5.92 -51.95 0.88
N LEU A 19 6.54 -51.33 -0.13
CA LEU A 19 7.64 -50.41 0.14
C LEU A 19 7.16 -49.30 1.07
N LYS A 20 6.26 -48.44 0.58
CA LYS A 20 5.79 -47.33 1.39
C LYS A 20 5.48 -47.80 2.81
N ASN A 21 4.80 -48.94 2.93
CA ASN A 21 4.41 -49.44 4.24
C ASN A 21 5.63 -49.73 5.12
N GLN A 22 6.64 -50.40 4.56
CA GLN A 22 7.75 -50.82 5.41
C GLN A 22 8.68 -49.65 5.74
N ILE A 23 8.87 -48.72 4.79
CA ILE A 23 9.59 -47.50 5.12
C ILE A 23 8.89 -46.76 6.25
N ARG A 24 7.57 -46.57 6.14
CA ARG A 24 6.86 -45.82 7.16
C ARG A 24 6.85 -46.55 8.50
N ASP A 25 6.73 -47.88 8.47
CA ASP A 25 6.75 -48.65 9.70
C ASP A 25 8.11 -48.55 10.39
N ALA A 26 9.20 -48.64 9.62
CA ALA A 26 10.52 -48.48 10.21
C ALA A 26 10.69 -47.08 10.78
N ARG A 27 10.21 -46.07 10.06
CA ARG A 27 10.30 -44.71 10.56
C ARG A 27 9.55 -44.54 11.88
N LYS A 28 8.34 -45.11 11.96
CA LYS A 28 7.56 -45.03 13.20
C LYS A 28 8.25 -45.77 14.33
N ALA A 29 8.76 -46.98 14.05
CA ALA A 29 9.38 -47.78 15.10
C ALA A 29 10.63 -47.11 15.65
N CYS A 30 11.52 -46.67 14.78
CA CYS A 30 12.75 -46.02 15.22
C CYS A 30 12.51 -44.66 15.84
N ALA A 31 11.30 -44.10 15.69
CA ALA A 31 10.98 -42.82 16.30
C ALA A 31 11.05 -42.95 17.82
N ASP A 32 11.70 -41.96 18.47
CA ASP A 32 11.89 -41.97 19.91
C ASP A 32 10.80 -41.19 20.64
N ALA A 33 10.66 -39.90 20.33
CA ALA A 33 9.68 -39.06 21.00
C ALA A 33 9.41 -37.83 20.15
N THR A 34 8.35 -37.11 20.50
CA THR A 34 7.98 -35.90 19.80
C THR A 34 8.80 -34.71 20.32
N LEU A 35 8.79 -33.63 19.54
CA LEU A 35 9.54 -32.44 19.91
C LEU A 35 9.06 -31.87 21.25
N SER A 36 7.74 -31.81 21.44
CA SER A 36 7.21 -31.32 22.71
C SER A 36 7.61 -32.22 23.87
N GLN A 37 7.72 -33.53 23.62
CA GLN A 37 8.08 -34.45 24.68
C GLN A 37 9.49 -34.21 25.19
N ILE A 38 10.37 -33.67 24.34
CA ILE A 38 11.77 -33.47 24.73
C ILE A 38 12.02 -32.10 25.35
N THR A 39 11.20 -31.11 25.03
CA THR A 39 11.39 -29.74 25.52
C THR A 39 10.46 -29.41 26.69
N ASN A 40 9.97 -30.43 27.41
CA ASN A 40 9.05 -30.18 28.50
C ASN A 40 9.69 -29.33 29.60
N ASN A 41 10.97 -29.59 29.90
CA ASN A 41 11.64 -28.84 30.96
C ASN A 41 11.94 -27.40 30.55
N ILE A 42 11.78 -27.07 29.28
CA ILE A 42 12.01 -25.71 28.82
C ILE A 42 10.80 -24.86 29.12
N ASP A 43 11.03 -23.65 29.64
CA ASP A 43 9.93 -22.78 30.02
C ASP A 43 9.41 -22.01 28.80
N PRO A 44 8.14 -21.63 28.80
CA PRO A 44 7.60 -20.79 27.73
C PRO A 44 8.34 -19.46 27.62
N VAL A 45 8.24 -18.85 26.45
CA VAL A 45 8.84 -17.53 26.22
C VAL A 45 7.96 -16.39 26.72
N GLY A 46 6.73 -16.67 27.15
CA GLY A 46 5.85 -15.64 27.63
C GLY A 46 5.11 -14.94 26.51
N ARG A 47 4.49 -13.81 26.87
CA ARG A 47 3.71 -13.02 25.93
C ARG A 47 4.66 -12.17 25.10
N ILE A 48 4.71 -12.44 23.80
CA ILE A 48 5.60 -11.69 22.89
C ILE A 48 4.79 -10.50 22.40
N GLN A 49 4.81 -9.44 23.21
CA GLN A 49 4.10 -8.20 22.88
C GLN A 49 4.95 -7.40 21.91
N MET A 50 4.44 -7.21 20.70
CA MET A 50 5.17 -6.52 19.64
C MET A 50 4.34 -5.33 19.17
N ARG A 51 4.87 -4.13 19.40
CA ARG A 51 4.21 -2.89 19.02
C ARG A 51 4.68 -2.45 17.64
N THR A 52 3.76 -1.86 16.88
CA THR A 52 4.08 -1.38 15.55
C THR A 52 4.95 -0.14 15.70
N ARG A 53 6.26 -0.35 15.66
CA ARG A 53 7.19 0.77 15.74
C ARG A 53 7.10 1.64 14.49
N ARG A 54 6.78 1.04 13.35
CA ARG A 54 6.61 1.78 12.11
C ARG A 54 5.56 1.11 11.25
N THR A 55 5.01 1.88 10.31
CA THR A 55 3.97 1.41 9.40
C THR A 55 4.29 1.94 8.02
N LEU A 56 4.33 1.05 7.03
CA LEU A 56 4.61 1.43 5.65
C LEU A 56 3.28 1.65 4.94
N ARG A 57 3.10 2.86 4.40
CA ARG A 57 1.90 3.21 3.64
C ARG A 57 2.29 3.61 2.23
N GLY A 58 1.38 3.36 1.29
CA GLY A 58 1.62 3.70 -0.09
C GLY A 58 1.06 2.67 -1.05
N HIS A 59 0.96 1.42 -0.58
CA HIS A 59 0.29 0.39 -1.36
C HIS A 59 -1.21 0.67 -1.39
N LEU A 60 -1.83 0.50 -2.56
CA LEU A 60 -3.24 0.79 -2.76
C LEU A 60 -3.99 -0.46 -3.24
N ALA A 61 -3.63 -1.62 -2.69
CA ALA A 61 -4.26 -2.88 -3.03
C ALA A 61 -3.75 -3.92 -2.04
N LYS A 62 -4.15 -5.17 -2.24
CA LYS A 62 -3.78 -6.23 -1.30
C LYS A 62 -2.29 -6.53 -1.39
N ILE A 63 -1.72 -6.97 -0.28
CA ILE A 63 -0.31 -7.37 -0.22
C ILE A 63 -0.25 -8.88 -0.28
N TYR A 64 0.51 -9.41 -1.24
CA TYR A 64 0.62 -10.84 -1.44
C TYR A 64 1.95 -11.42 -0.98
N ALA A 65 3.03 -10.64 -1.04
CA ALA A 65 4.36 -11.12 -0.72
C ALA A 65 5.25 -9.99 -0.23
N MET A 66 6.30 -10.36 0.50
CA MET A 66 7.24 -9.40 1.06
C MET A 66 8.50 -10.14 1.49
N HIS A 67 9.66 -9.55 1.18
CA HIS A 67 10.94 -10.18 1.46
C HIS A 67 11.90 -9.16 2.07
N TRP A 68 12.65 -9.60 3.07
CA TRP A 68 13.66 -8.77 3.71
C TRP A 68 14.96 -8.77 2.91
N GLY A 69 15.72 -7.69 3.02
CA GLY A 69 17.05 -7.64 2.45
C GLY A 69 18.08 -8.29 3.33
N THR A 70 19.28 -8.45 2.77
CA THR A 70 20.38 -9.06 3.52
C THR A 70 20.97 -8.14 4.57
N ASP A 71 20.85 -6.83 4.40
CA ASP A 71 21.40 -5.88 5.36
C ASP A 71 20.46 -5.61 6.52
N SER A 72 19.26 -6.19 6.51
CA SER A 72 18.28 -6.08 7.59
C SER A 72 17.71 -4.69 7.73
N ARG A 73 17.76 -3.89 6.67
CA ARG A 73 17.26 -2.51 6.73
C ARG A 73 16.32 -2.21 5.56
N LEU A 74 16.47 -2.93 4.46
CA LEU A 74 15.68 -2.69 3.26
C LEU A 74 14.61 -3.76 3.09
N LEU A 75 13.44 -3.34 2.64
CA LEU A 75 12.32 -4.24 2.39
C LEU A 75 11.99 -4.23 0.91
N VAL A 76 11.23 -5.24 0.49
CA VAL A 76 10.59 -5.26 -0.82
C VAL A 76 9.26 -5.99 -0.67
N SER A 77 8.20 -5.40 -1.21
CA SER A 77 6.86 -5.95 -1.06
C SER A 77 6.16 -5.96 -2.41
N ALA A 78 5.50 -7.07 -2.71
CA ALA A 78 4.71 -7.23 -3.92
C ALA A 78 3.24 -7.01 -3.59
N SER A 79 2.55 -6.26 -4.46
CA SER A 79 1.18 -5.86 -4.19
C SER A 79 0.32 -6.10 -5.42
N GLN A 80 -0.97 -6.31 -5.16
CA GLN A 80 -1.94 -6.60 -6.22
C GLN A 80 -2.05 -5.49 -7.24
N ASP A 81 -1.71 -4.26 -6.89
CA ASP A 81 -1.84 -3.13 -7.80
C ASP A 81 -0.72 -3.08 -8.83
N GLY A 82 0.28 -3.95 -8.72
CA GLY A 82 1.35 -4.00 -9.70
C GLY A 82 2.50 -3.07 -9.40
N LYS A 83 2.78 -2.82 -8.12
CA LYS A 83 3.90 -1.99 -7.71
C LYS A 83 4.78 -2.77 -6.75
N LEU A 84 6.07 -2.84 -7.05
CA LEU A 84 7.06 -3.44 -6.17
C LEU A 84 7.84 -2.29 -5.54
N ILE A 85 7.66 -2.10 -4.23
CA ILE A 85 8.20 -0.96 -3.51
C ILE A 85 9.31 -1.46 -2.60
N ILE A 86 10.46 -0.78 -2.66
CA ILE A 86 11.60 -1.07 -1.79
C ILE A 86 11.64 0.03 -0.73
N TRP A 87 11.47 -0.35 0.53
CA TRP A 87 11.39 0.60 1.63
C TRP A 87 12.72 0.65 2.37
N ASP A 88 12.91 1.75 3.10
CA ASP A 88 13.94 1.85 4.13
C ASP A 88 13.21 1.75 5.46
N SER A 89 13.39 0.62 6.15
CA SER A 89 12.61 0.35 7.35
C SER A 89 12.89 1.37 8.44
N TYR A 90 14.15 1.78 8.62
CA TYR A 90 14.50 2.64 9.74
C TYR A 90 13.87 4.03 9.60
N THR A 91 13.44 4.40 8.39
CA THR A 91 12.88 5.73 8.16
C THR A 91 11.59 5.73 7.36
N THR A 92 11.17 4.59 6.83
CA THR A 92 9.94 4.49 6.04
C THR A 92 10.07 5.26 4.71
N ASN A 93 11.29 5.40 4.21
CA ASN A 93 11.53 6.00 2.91
C ASN A 93 11.29 4.96 1.83
N LYS A 94 10.70 5.39 0.72
CA LYS A 94 10.54 4.52 -0.44
C LYS A 94 11.77 4.67 -1.32
N VAL A 95 12.70 3.73 -1.23
CA VAL A 95 13.95 3.81 -1.97
C VAL A 95 13.70 3.62 -3.46
N HIS A 96 12.78 2.72 -3.83
CA HIS A 96 12.50 2.45 -5.22
C HIS A 96 11.01 2.16 -5.40
N ALA A 97 10.52 2.37 -6.62
CA ALA A 97 9.15 2.03 -6.99
C ALA A 97 9.19 1.44 -8.40
N ILE A 98 9.11 0.13 -8.49
CA ILE A 98 9.22 -0.60 -9.76
C ILE A 98 7.81 -0.88 -10.26
N PRO A 99 7.38 -0.31 -11.40
CA PRO A 99 6.07 -0.68 -11.96
C PRO A 99 6.10 -2.02 -12.66
N LEU A 100 5.48 -3.03 -12.06
CA LEU A 100 5.51 -4.37 -12.62
C LEU A 100 4.65 -4.45 -13.88
N ARG A 101 5.00 -5.38 -14.76
CA ARG A 101 4.27 -5.53 -16.01
C ARG A 101 2.92 -6.22 -15.81
N SER A 102 2.85 -7.17 -14.88
CA SER A 102 1.63 -7.91 -14.58
C SER A 102 1.16 -7.56 -13.19
N SER A 103 -0.11 -7.17 -13.06
CA SER A 103 -0.65 -6.75 -11.76
C SER A 103 -0.94 -7.93 -10.84
N TRP A 104 -0.82 -9.16 -11.31
CA TRP A 104 -1.18 -10.34 -10.52
C TRP A 104 0.08 -11.02 -9.98
N VAL A 105 0.51 -10.58 -8.81
CA VAL A 105 1.78 -10.98 -8.21
C VAL A 105 1.46 -11.77 -6.94
N MET A 106 2.22 -12.84 -6.71
CA MET A 106 1.94 -13.76 -5.61
C MET A 106 3.15 -14.15 -4.78
N THR A 107 4.35 -13.67 -5.11
CA THR A 107 5.55 -14.04 -4.38
C THR A 107 6.73 -13.28 -4.96
N CYS A 108 7.77 -13.10 -4.15
CA CYS A 108 9.06 -12.57 -4.60
C CYS A 108 10.13 -12.76 -3.54
N ALA A 109 11.34 -12.30 -3.89
CA ALA A 109 12.51 -12.40 -3.05
C ALA A 109 13.40 -11.19 -3.26
N TYR A 110 14.47 -11.11 -2.47
CA TYR A 110 15.44 -10.02 -2.53
C TYR A 110 16.81 -10.65 -2.62
N ALA A 111 17.57 -10.29 -3.66
CA ALA A 111 18.82 -10.97 -3.93
C ALA A 111 19.75 -10.85 -2.73
N PRO A 112 20.50 -11.91 -2.39
CA PRO A 112 21.38 -11.82 -1.21
C PRO A 112 22.40 -10.71 -1.31
N SER A 113 22.94 -10.46 -2.50
CA SER A 113 23.90 -9.37 -2.67
C SER A 113 23.20 -8.02 -2.57
N GLY A 114 21.89 -7.99 -2.80
CA GLY A 114 21.14 -6.75 -2.83
C GLY A 114 21.09 -6.09 -4.18
N ASN A 115 21.75 -6.65 -5.20
CA ASN A 115 21.78 -6.06 -6.52
C ASN A 115 20.49 -6.25 -7.31
N TYR A 116 19.77 -7.33 -7.05
CA TYR A 116 18.65 -7.75 -7.91
C TYR A 116 17.40 -8.00 -7.08
N VAL A 117 16.26 -7.63 -7.66
CA VAL A 117 14.94 -8.02 -7.18
C VAL A 117 14.13 -8.45 -8.39
N ALA A 118 13.15 -9.33 -8.18
CA ALA A 118 12.50 -10.03 -9.27
C ALA A 118 11.01 -10.19 -9.03
N CYS A 119 10.21 -10.04 -10.10
CA CYS A 119 9.06 -10.91 -10.40
C CYS A 119 8.24 -10.45 -11.59
N GLY A 120 7.22 -11.27 -11.88
CA GLY A 120 6.19 -11.13 -12.88
C GLY A 120 4.89 -11.45 -12.16
N GLY A 121 4.19 -12.47 -12.63
CA GLY A 121 3.04 -12.93 -11.88
C GLY A 121 2.35 -14.17 -12.39
N LEU A 122 1.01 -14.19 -12.33
CA LEU A 122 0.22 -15.28 -12.84
C LEU A 122 0.58 -15.63 -14.29
N ASP A 123 1.33 -14.77 -14.97
CA ASP A 123 1.95 -15.10 -16.24
C ASP A 123 3.03 -16.17 -16.11
N ASN A 124 3.19 -16.76 -14.93
CA ASN A 124 4.07 -17.89 -14.67
C ASN A 124 5.54 -17.52 -14.61
N ILE A 125 5.85 -16.29 -14.19
CA ILE A 125 7.22 -15.81 -14.13
C ILE A 125 7.40 -14.92 -12.90
N CYS A 126 8.52 -15.07 -12.22
CA CYS A 126 9.04 -14.03 -11.32
C CYS A 126 10.27 -13.47 -12.03
N SER A 127 10.02 -12.49 -12.91
CA SER A 127 11.04 -11.84 -13.71
C SER A 127 11.97 -11.02 -12.82
N ILE A 128 13.18 -10.78 -13.31
CA ILE A 128 14.28 -10.25 -12.49
C ILE A 128 14.51 -8.79 -12.85
N TYR A 129 14.74 -7.97 -11.83
CA TYR A 129 15.06 -6.55 -11.97
C TYR A 129 16.43 -6.28 -11.38
N ASN A 130 17.19 -5.42 -12.04
CA ASN A 130 18.52 -5.02 -11.59
C ASN A 130 18.44 -3.65 -10.93
N LEU A 131 18.95 -3.55 -9.70
CA LEU A 131 18.81 -2.33 -8.91
C LEU A 131 19.93 -1.32 -9.15
N LYS A 132 21.19 -1.77 -9.12
CA LYS A 132 22.34 -0.87 -9.22
C LYS A 132 22.71 -0.72 -10.69
N THR A 133 21.95 0.11 -11.40
CA THR A 133 22.21 0.43 -12.79
C THR A 133 22.81 1.83 -12.89
N ARG A 134 23.62 2.02 -13.94
CA ARG A 134 24.27 3.30 -14.16
C ARG A 134 23.30 4.38 -14.64
N GLU A 135 22.05 4.02 -14.94
CA GLU A 135 21.01 5.00 -15.21
C GLU A 135 20.31 5.48 -13.94
N GLY A 136 20.58 4.84 -12.81
CA GLY A 136 20.02 5.26 -11.54
C GLY A 136 18.64 4.72 -11.23
N ASN A 137 18.01 4.01 -12.17
CA ASN A 137 16.68 3.44 -11.99
C ASN A 137 16.82 1.92 -11.89
N VAL A 138 15.67 1.25 -11.81
CA VAL A 138 15.60 -0.21 -11.73
C VAL A 138 15.02 -0.72 -13.03
N ARG A 139 15.71 -1.70 -13.63
CA ARG A 139 15.33 -2.22 -14.95
C ARG A 139 15.20 -3.72 -14.90
N VAL A 140 14.42 -4.25 -15.85
CA VAL A 140 14.16 -5.68 -15.97
C VAL A 140 15.38 -6.31 -16.63
N SER A 141 16.11 -7.14 -15.88
CA SER A 141 17.27 -7.80 -16.46
C SER A 141 16.86 -8.96 -17.35
N ARG A 142 16.20 -9.97 -16.77
CA ARG A 142 15.80 -11.16 -17.50
C ARG A 142 14.39 -11.56 -17.12
N GLU A 143 13.73 -12.27 -18.03
CA GLU A 143 12.40 -12.83 -17.80
C GLU A 143 12.48 -14.34 -17.99
N LEU A 144 12.38 -15.08 -16.89
CA LEU A 144 12.56 -16.52 -16.91
C LEU A 144 11.23 -17.19 -17.24
N ALA A 145 11.07 -17.62 -18.48
CA ALA A 145 9.86 -18.29 -18.95
C ALA A 145 10.13 -19.78 -19.12
N GLY A 146 9.05 -20.56 -19.05
CA GLY A 146 9.15 -22.00 -19.15
C GLY A 146 8.18 -22.74 -18.25
N HIS A 147 7.76 -22.10 -17.16
CA HIS A 147 6.71 -22.68 -16.32
C HIS A 147 5.36 -22.57 -17.01
N THR A 148 4.51 -23.56 -16.77
CA THR A 148 3.18 -23.61 -17.39
C THR A 148 2.07 -23.17 -16.45
N GLY A 149 2.20 -23.42 -15.14
CA GLY A 149 1.19 -23.01 -14.19
C GLY A 149 1.53 -21.72 -13.48
N TYR A 150 0.55 -21.18 -12.77
CA TYR A 150 0.74 -19.94 -12.02
C TYR A 150 1.97 -20.11 -11.12
N LEU A 151 2.57 -19.00 -10.70
CA LEU A 151 3.86 -19.03 -10.03
C LEU A 151 3.66 -18.77 -8.54
N SER A 152 4.30 -19.61 -7.71
CA SER A 152 4.04 -19.60 -6.28
C SER A 152 5.21 -19.04 -5.48
N CYS A 153 6.44 -19.17 -5.98
CA CYS A 153 7.58 -18.64 -5.24
C CYS A 153 8.74 -18.39 -6.21
N CYS A 154 9.72 -17.59 -5.74
CA CYS A 154 10.94 -17.33 -6.48
C CYS A 154 12.00 -16.89 -5.48
N ARG A 155 13.08 -17.65 -5.36
CA ARG A 155 14.12 -17.40 -4.35
C ARG A 155 15.50 -17.47 -4.98
N PHE A 156 16.34 -16.50 -4.64
CA PHE A 156 17.69 -16.42 -5.21
C PHE A 156 18.65 -17.35 -4.47
N LEU A 157 19.40 -18.14 -5.24
CA LEU A 157 20.57 -18.84 -4.71
C LEU A 157 21.80 -17.94 -4.73
N ASP A 158 22.00 -17.21 -5.82
CA ASP A 158 23.11 -16.28 -5.97
C ASP A 158 22.64 -15.16 -6.90
N ASP A 159 23.57 -14.34 -7.36
CA ASP A 159 23.26 -13.31 -8.34
C ASP A 159 23.04 -13.89 -9.74
N ASN A 160 23.38 -15.17 -9.96
CA ASN A 160 23.19 -15.81 -11.24
C ASN A 160 22.61 -17.20 -11.13
N GLN A 161 21.73 -17.46 -10.16
CA GLN A 161 21.08 -18.75 -10.02
C GLN A 161 19.85 -18.58 -9.14
N ILE A 162 18.67 -18.85 -9.71
CA ILE A 162 17.40 -18.67 -9.02
C ILE A 162 16.56 -19.94 -9.18
N VAL A 163 15.90 -20.34 -8.10
CA VAL A 163 15.02 -21.50 -8.10
C VAL A 163 13.58 -21.00 -8.00
N THR A 164 12.68 -21.71 -8.67
CA THR A 164 11.32 -21.23 -8.88
C THR A 164 10.33 -22.36 -8.64
N SER A 165 9.14 -21.99 -8.15
CA SER A 165 8.05 -22.93 -7.89
C SER A 165 6.76 -22.40 -8.49
N SER A 166 6.03 -23.27 -9.19
CA SER A 166 4.85 -22.88 -9.93
C SER A 166 3.70 -23.83 -9.63
N GLY A 167 2.57 -23.59 -10.27
CA GLY A 167 1.39 -24.40 -10.13
C GLY A 167 1.33 -25.59 -11.06
N ASP A 168 2.37 -25.80 -11.87
CA ASP A 168 2.43 -26.93 -12.79
C ASP A 168 2.91 -28.21 -12.11
N THR A 169 3.03 -28.20 -10.78
CA THR A 169 3.52 -29.36 -10.04
C THR A 169 5.02 -29.58 -10.27
N THR A 170 5.76 -28.50 -10.51
CA THR A 170 7.19 -28.60 -10.81
C THR A 170 7.91 -27.37 -10.27
N CYS A 171 9.20 -27.55 -9.98
CA CYS A 171 10.09 -26.46 -9.63
C CYS A 171 11.29 -26.50 -10.56
N ALA A 172 11.76 -25.32 -10.96
CA ALA A 172 12.83 -25.19 -11.94
C ALA A 172 13.98 -24.39 -11.34
N LEU A 173 15.21 -24.85 -11.61
CA LEU A 173 16.42 -24.12 -11.28
C LEU A 173 16.94 -23.47 -12.55
N TRP A 174 17.24 -22.18 -12.47
CA TRP A 174 17.56 -21.38 -13.66
C TRP A 174 18.99 -20.87 -13.60
N ASP A 175 19.50 -20.53 -14.78
CA ASP A 175 20.75 -19.80 -14.95
C ASP A 175 20.37 -18.43 -15.53
N ILE A 176 20.46 -17.39 -14.70
CA ILE A 176 19.87 -16.11 -15.06
C ILE A 176 20.52 -15.55 -16.32
N GLU A 177 21.85 -15.62 -16.40
CA GLU A 177 22.54 -15.03 -17.55
C GLU A 177 22.05 -15.65 -18.86
N THR A 178 22.08 -16.98 -18.94
CA THR A 178 21.60 -17.66 -20.14
C THR A 178 20.09 -17.54 -20.29
N GLY A 179 19.36 -17.63 -19.18
CA GLY A 179 17.91 -17.58 -19.20
C GLY A 179 17.24 -18.91 -19.43
N GLN A 180 17.99 -19.98 -19.63
CA GLN A 180 17.44 -21.31 -19.83
C GLN A 180 17.43 -22.06 -18.51
N GLN A 181 16.31 -22.74 -18.25
CA GLN A 181 16.15 -23.50 -17.01
C GLN A 181 17.18 -24.62 -17.00
N THR A 182 18.20 -24.48 -16.14
CA THR A 182 19.25 -25.49 -16.06
C THR A 182 18.66 -26.87 -15.80
N THR A 183 17.83 -26.99 -14.77
CA THR A 183 17.19 -28.24 -14.42
C THR A 183 15.72 -27.97 -14.12
N THR A 184 14.90 -29.01 -14.28
CA THR A 184 13.48 -28.96 -13.97
C THR A 184 13.17 -30.11 -13.01
N PHE A 185 12.42 -29.80 -11.95
CA PHE A 185 12.10 -30.78 -10.92
C PHE A 185 10.65 -31.22 -11.09
N THR A 186 10.42 -32.52 -11.01
CA THR A 186 9.08 -33.10 -11.14
C THR A 186 8.82 -34.09 -10.02
N GLY A 187 7.56 -34.43 -9.84
CA GLY A 187 7.15 -35.38 -8.82
C GLY A 187 5.86 -34.99 -8.13
N HIS A 188 5.55 -33.70 -8.12
CA HIS A 188 4.31 -33.23 -7.54
C HIS A 188 3.13 -33.64 -8.40
N THR A 189 1.99 -33.85 -7.74
CA THR A 189 0.72 -34.10 -8.41
C THR A 189 -0.23 -32.92 -8.33
N GLY A 190 -0.03 -32.00 -7.38
CA GLY A 190 -0.84 -30.81 -7.28
C GLY A 190 0.01 -29.56 -7.39
N ASP A 191 -0.67 -28.42 -7.42
CA ASP A 191 0.01 -27.13 -7.58
C ASP A 191 1.03 -26.94 -6.46
N VAL A 192 2.21 -26.44 -6.82
CA VAL A 192 3.26 -26.15 -5.85
C VAL A 192 3.06 -24.72 -5.37
N MET A 193 3.08 -24.54 -4.05
CA MET A 193 2.64 -23.28 -3.44
C MET A 193 3.74 -22.53 -2.71
N SER A 194 4.80 -23.19 -2.25
CA SER A 194 5.84 -22.51 -1.50
C SER A 194 7.12 -23.31 -1.52
N LEU A 195 8.24 -22.60 -1.57
CA LEU A 195 9.56 -23.19 -1.39
C LEU A 195 10.39 -22.29 -0.48
N SER A 196 11.35 -22.90 0.20
CA SER A 196 12.29 -22.17 1.05
C SER A 196 13.70 -22.63 0.71
N LEU A 197 14.59 -21.66 0.49
CA LEU A 197 15.98 -21.97 0.20
C LEU A 197 16.74 -22.21 1.51
N ALA A 198 17.62 -23.20 1.48
CA ALA A 198 18.41 -23.52 2.65
C ALA A 198 19.44 -22.42 2.90
N PRO A 199 19.97 -22.35 4.13
CA PRO A 199 20.99 -21.33 4.40
C PRO A 199 22.19 -21.40 3.47
N ASP A 200 22.63 -22.61 3.11
CA ASP A 200 23.78 -22.79 2.25
C ASP A 200 23.43 -22.84 0.77
N THR A 201 22.16 -22.66 0.41
CA THR A 201 21.74 -22.60 -0.99
C THR A 201 22.17 -23.84 -1.76
N ARG A 202 22.17 -24.99 -1.07
CA ARG A 202 22.46 -26.27 -1.68
C ARG A 202 21.23 -27.16 -1.82
N LEU A 203 20.25 -27.02 -0.92
CA LEU A 203 19.01 -27.78 -0.96
C LEU A 203 17.84 -26.82 -0.80
N PHE A 204 16.63 -27.32 -0.98
CA PHE A 204 15.44 -26.56 -0.65
C PHE A 204 14.25 -27.52 -0.59
N VAL A 205 13.21 -27.08 0.11
CA VAL A 205 11.98 -27.85 0.30
C VAL A 205 10.85 -27.12 -0.40
N SER A 206 9.94 -27.89 -1.00
CA SER A 206 8.80 -27.33 -1.72
C SER A 206 7.52 -27.99 -1.23
N GLY A 207 6.47 -27.19 -1.08
CA GLY A 207 5.16 -27.66 -0.69
C GLY A 207 4.18 -27.45 -1.82
N ALA A 208 3.20 -28.35 -1.92
CA ALA A 208 2.25 -28.33 -3.01
C ALA A 208 0.85 -28.67 -2.52
N CYS A 209 -0.13 -28.43 -3.39
CA CYS A 209 -1.52 -28.69 -3.08
C CYS A 209 -1.83 -30.16 -2.90
N ASP A 210 -0.92 -31.05 -3.30
CA ASP A 210 -1.11 -32.48 -3.13
C ASP A 210 -0.94 -32.93 -1.69
N ALA A 211 -0.86 -32.01 -0.74
CA ALA A 211 -0.75 -32.30 0.68
C ALA A 211 0.60 -32.90 1.05
N SER A 212 1.58 -32.81 0.15
CA SER A 212 2.89 -33.39 0.37
C SER A 212 3.98 -32.36 0.09
N ALA A 213 4.86 -32.17 1.07
CA ALA A 213 6.07 -31.39 0.91
C ALA A 213 7.24 -32.33 0.62
N LYS A 214 8.19 -31.84 -0.17
CA LYS A 214 9.29 -32.70 -0.59
C LYS A 214 10.56 -31.89 -0.76
N LEU A 215 11.67 -32.49 -0.34
CA LEU A 215 12.98 -31.85 -0.38
C LEU A 215 13.67 -32.20 -1.70
N TRP A 216 14.07 -31.17 -2.43
CA TRP A 216 14.69 -31.33 -3.75
C TRP A 216 16.08 -30.73 -3.75
N ASP A 217 17.06 -31.51 -4.23
CA ASP A 217 18.45 -31.07 -4.32
C ASP A 217 18.64 -30.22 -5.57
N VAL A 218 19.55 -29.24 -5.47
CA VAL A 218 19.72 -28.28 -6.57
C VAL A 218 20.70 -28.82 -7.61
N ARG A 219 21.64 -29.67 -7.21
CA ARG A 219 22.71 -30.08 -8.12
C ARG A 219 22.32 -31.30 -8.94
N GLU A 220 22.00 -32.41 -8.28
CA GLU A 220 21.67 -33.65 -8.98
C GLU A 220 20.34 -33.59 -9.70
N GLY A 221 19.42 -32.73 -9.28
CA GLY A 221 18.12 -32.63 -9.92
C GLY A 221 17.14 -33.70 -9.49
N MET A 222 17.53 -34.59 -8.59
CA MET A 222 16.68 -35.68 -8.13
C MET A 222 15.83 -35.24 -6.94
N CYS A 223 14.81 -36.04 -6.65
CA CYS A 223 13.97 -35.82 -5.48
C CYS A 223 14.61 -36.54 -4.30
N ARG A 224 15.32 -35.79 -3.46
CA ARG A 224 16.01 -36.40 -2.32
C ARG A 224 15.02 -37.02 -1.35
N GLN A 225 13.87 -36.38 -1.16
CA GLN A 225 12.94 -36.82 -0.14
C GLN A 225 11.55 -36.24 -0.41
N THR A 226 10.55 -36.86 0.21
CA THR A 226 9.17 -36.39 0.17
C THR A 226 8.56 -36.49 1.55
N PHE A 227 7.62 -35.58 1.84
CA PHE A 227 6.96 -35.50 3.13
C PHE A 227 5.45 -35.53 2.95
N THR A 228 4.77 -36.26 3.84
CA THR A 228 3.32 -36.36 3.82
C THR A 228 2.83 -36.32 5.27
N GLY A 229 1.57 -36.71 5.46
CA GLY A 229 0.95 -36.60 6.77
C GLY A 229 0.11 -35.35 6.87
N HIS A 230 -0.74 -35.13 5.87
CA HIS A 230 -1.47 -33.88 5.74
C HIS A 230 -2.84 -34.17 5.13
N GLU A 231 -3.76 -33.23 5.34
CA GLU A 231 -5.13 -33.34 4.84
C GLU A 231 -5.38 -32.50 3.60
N SER A 232 -5.07 -31.21 3.63
CA SER A 232 -5.42 -30.28 2.56
C SER A 232 -4.15 -29.69 1.95
N ASP A 233 -4.34 -28.72 1.06
CA ASP A 233 -3.24 -28.13 0.32
C ASP A 233 -2.35 -27.28 1.22
N ILE A 234 -1.14 -27.02 0.72
CA ILE A 234 -0.10 -26.31 1.46
C ILE A 234 0.08 -24.93 0.85
N ASN A 235 0.27 -23.92 1.70
CA ASN A 235 0.41 -22.54 1.26
C ASN A 235 1.74 -21.89 1.65
N ALA A 236 2.41 -22.38 2.70
CA ALA A 236 3.59 -21.71 3.21
C ALA A 236 4.58 -22.73 3.74
N ILE A 237 5.87 -22.43 3.57
CA ILE A 237 6.95 -23.32 4.00
C ILE A 237 8.19 -22.48 4.26
N CYS A 238 8.97 -22.87 5.26
CA CYS A 238 10.17 -22.13 5.63
C CYS A 238 11.11 -23.04 6.41
N PHE A 239 12.41 -22.79 6.25
CA PHE A 239 13.44 -23.52 6.98
C PHE A 239 13.65 -22.97 8.39
N PHE A 240 13.91 -23.90 9.31
CA PHE A 240 14.57 -23.58 10.57
C PHE A 240 15.93 -22.96 10.25
N PRO A 241 16.37 -21.97 11.03
CA PRO A 241 17.50 -21.15 10.58
C PRO A 241 18.79 -21.94 10.39
N ASN A 242 18.90 -23.16 10.91
CA ASN A 242 20.07 -24.00 10.66
C ASN A 242 19.92 -24.87 9.42
N GLY A 243 18.80 -24.77 8.71
CA GLY A 243 18.59 -25.57 7.52
C GLY A 243 18.42 -27.05 7.78
N ASN A 244 18.20 -27.44 9.03
CA ASN A 244 18.04 -28.84 9.40
C ASN A 244 16.58 -29.22 9.61
N ALA A 245 15.64 -28.33 9.30
CA ALA A 245 14.22 -28.62 9.44
C ALA A 245 13.44 -27.55 8.70
N PHE A 246 12.12 -27.70 8.68
CA PHE A 246 11.25 -26.70 8.07
C PHE A 246 9.85 -26.85 8.64
N ALA A 247 9.06 -25.79 8.49
CA ALA A 247 7.68 -25.75 8.96
C ALA A 247 6.77 -25.45 7.78
N THR A 248 5.53 -25.91 7.86
CA THR A 248 4.58 -25.82 6.76
C THR A 248 3.29 -25.14 7.21
N GLY A 249 2.57 -24.59 6.25
CA GLY A 249 1.27 -24.00 6.51
C GLY A 249 0.29 -24.33 5.42
N SER A 250 -0.98 -24.50 5.81
CA SER A 250 -1.98 -25.09 4.92
C SER A 250 -3.35 -24.48 5.18
N ASP A 251 -4.24 -24.69 4.21
CA ASP A 251 -5.65 -24.28 4.35
C ASP A 251 -6.38 -25.08 5.40
N ASP A 252 -5.79 -26.18 5.88
CA ASP A 252 -6.43 -26.97 6.94
C ASP A 252 -6.50 -26.21 8.26
N ALA A 253 -5.90 -25.01 8.33
CA ALA A 253 -5.78 -24.23 9.56
C ALA A 253 -4.74 -24.81 10.49
N THR A 254 -3.77 -25.56 9.95
CA THR A 254 -2.72 -26.17 10.75
C THR A 254 -1.37 -25.89 10.10
N CYS A 255 -0.34 -25.82 10.93
CA CYS A 255 1.04 -25.71 10.48
C CYS A 255 1.86 -26.84 11.07
N ARG A 256 2.73 -27.42 10.26
CA ARG A 256 3.43 -28.64 10.62
C ARG A 256 4.94 -28.44 10.48
N LEU A 257 5.69 -29.03 11.40
CA LEU A 257 7.15 -28.94 11.40
C LEU A 257 7.73 -30.31 11.11
N PHE A 258 8.49 -30.41 10.03
CA PHE A 258 9.15 -31.65 9.63
C PHE A 258 10.66 -31.53 9.82
N ASP A 259 11.31 -32.68 9.90
CA ASP A 259 12.77 -32.78 9.90
C ASP A 259 13.21 -33.62 8.72
N LEU A 260 14.04 -33.03 7.86
CA LEU A 260 14.47 -33.70 6.63
C LEU A 260 15.41 -34.88 6.90
N ARG A 261 15.91 -35.03 8.13
CA ARG A 261 16.75 -36.16 8.50
C ARG A 261 15.94 -37.31 9.09
N ALA A 262 15.08 -37.02 10.07
CA ALA A 262 14.28 -38.06 10.70
C ALA A 262 13.12 -38.50 9.81
N ASP A 263 12.80 -37.73 8.78
CA ASP A 263 11.81 -38.08 7.77
C ASP A 263 10.38 -38.09 8.31
N GLN A 264 10.19 -37.73 9.58
CA GLN A 264 8.89 -37.82 10.23
C GLN A 264 8.46 -36.45 10.74
N GLU A 265 7.17 -36.16 10.58
CA GLU A 265 6.63 -34.91 11.10
C GLU A 265 6.87 -34.82 12.59
N LEU A 266 7.37 -33.67 13.04
CA LEU A 266 7.78 -33.49 14.42
C LEU A 266 6.67 -32.92 15.30
N MET A 267 6.00 -31.85 14.87
CA MET A 267 4.99 -31.22 15.69
C MET A 267 3.90 -30.64 14.81
N THR A 268 2.75 -30.37 15.44
CA THR A 268 1.60 -29.76 14.79
C THR A 268 1.27 -28.45 15.46
N TYR A 269 0.89 -27.45 14.66
CA TYR A 269 0.60 -26.10 15.15
C TYR A 269 -0.85 -25.77 14.79
N SER A 270 -1.77 -26.13 15.68
CA SER A 270 -3.18 -25.87 15.45
C SER A 270 -3.88 -25.67 16.79
N HIS A 271 -4.99 -24.95 16.75
CA HIS A 271 -5.81 -24.70 17.93
C HIS A 271 -7.28 -24.71 17.51
N ASP A 272 -8.14 -25.13 18.43
CA ASP A 272 -9.54 -25.34 18.09
C ASP A 272 -10.20 -24.06 17.59
N ASN A 273 -9.90 -22.93 18.23
CA ASN A 273 -10.50 -21.67 17.82
C ASN A 273 -10.05 -21.25 16.43
N ILE A 274 -8.98 -21.84 15.91
CA ILE A 274 -8.49 -21.52 14.57
C ILE A 274 -9.26 -22.35 13.56
N ILE A 275 -9.95 -21.68 12.64
CA ILE A 275 -10.81 -22.36 11.67
C ILE A 275 -10.41 -22.07 10.23
N CYS A 276 -9.51 -21.13 9.98
CA CYS A 276 -9.11 -20.74 8.63
C CYS A 276 -7.64 -21.09 8.39
N GLY A 277 -7.24 -21.00 7.12
CA GLY A 277 -5.94 -21.45 6.69
C GLY A 277 -4.82 -20.48 7.03
N ILE A 278 -3.63 -20.83 6.55
CA ILE A 278 -2.41 -20.05 6.77
C ILE A 278 -1.90 -19.63 5.40
N THR A 279 -1.46 -18.37 5.30
CA THR A 279 -0.98 -17.83 4.03
C THR A 279 0.53 -17.70 3.97
N SER A 280 1.20 -17.56 5.12
CA SER A 280 2.64 -17.37 5.14
C SER A 280 3.21 -17.89 6.46
N VAL A 281 4.51 -18.16 6.45
CA VAL A 281 5.22 -18.64 7.63
C VAL A 281 6.62 -18.03 7.63
N SER A 282 7.18 -17.86 8.82
CA SER A 282 8.53 -17.34 8.98
C SER A 282 9.03 -17.73 10.36
N PHE A 283 10.35 -17.61 10.53
CA PHE A 283 11.01 -18.00 11.77
C PHE A 283 11.79 -16.84 12.35
N SER A 284 12.03 -16.91 13.65
CA SER A 284 12.93 -15.97 14.32
C SER A 284 14.37 -16.28 13.96
N LYS A 285 15.24 -15.28 14.12
CA LYS A 285 16.65 -15.48 13.83
C LYS A 285 17.20 -16.71 14.54
N SER A 286 16.85 -16.89 15.81
CA SER A 286 17.31 -18.04 16.57
C SER A 286 16.40 -19.26 16.44
N GLY A 287 15.36 -19.17 15.61
CA GLY A 287 14.44 -20.28 15.48
C GLY A 287 13.72 -20.62 16.77
N ARG A 288 13.35 -19.60 17.55
CA ARG A 288 12.63 -19.80 18.80
C ARG A 288 11.20 -19.30 18.73
N LEU A 289 10.87 -18.48 17.75
CA LEU A 289 9.51 -17.98 17.56
C LEU A 289 9.08 -18.25 16.12
N LEU A 290 7.91 -18.86 15.97
CA LEU A 290 7.39 -19.22 14.66
C LEU A 290 6.22 -18.27 14.36
N LEU A 291 6.27 -17.62 13.21
CA LEU A 291 5.29 -16.61 12.84
C LEU A 291 4.50 -17.07 11.64
N ALA A 292 3.18 -17.07 11.75
CA ALA A 292 2.27 -17.52 10.70
C ALA A 292 1.18 -16.50 10.48
N GLY A 293 0.90 -16.17 9.22
CA GLY A 293 -0.13 -15.22 8.86
C GLY A 293 -1.38 -15.92 8.37
N TYR A 294 -2.45 -15.80 9.14
CA TYR A 294 -3.69 -16.50 8.89
C TYR A 294 -4.66 -15.63 8.10
N ASP A 295 -5.83 -16.20 7.82
CA ASP A 295 -6.94 -15.47 7.22
C ASP A 295 -7.85 -14.83 8.25
N ASP A 296 -7.60 -15.07 9.55
CA ASP A 296 -8.43 -14.54 10.62
C ASP A 296 -8.07 -13.09 10.96
N PHE A 297 -7.34 -12.41 10.09
CA PHE A 297 -6.96 -11.01 10.23
C PHE A 297 -5.90 -10.80 11.30
N ASN A 298 -5.35 -11.87 11.88
CA ASN A 298 -4.32 -11.78 12.90
C ASN A 298 -3.18 -12.72 12.56
N CYS A 299 -1.99 -12.35 13.02
CA CYS A 299 -0.78 -13.16 12.85
C CYS A 299 -0.36 -13.69 14.21
N ASN A 300 -0.26 -15.00 14.33
CA ASN A 300 0.07 -15.64 15.59
C ASN A 300 1.56 -15.93 15.67
N VAL A 301 2.14 -15.67 16.83
CA VAL A 301 3.53 -15.99 17.11
C VAL A 301 3.57 -17.31 17.88
N TRP A 302 3.97 -18.38 17.21
CA TRP A 302 3.97 -19.72 17.77
C TRP A 302 5.36 -20.04 18.28
N ASP A 303 5.44 -20.51 19.53
CA ASP A 303 6.68 -21.07 20.04
C ASP A 303 6.96 -22.39 19.36
N ALA A 304 7.95 -22.41 18.46
CA ALA A 304 8.17 -23.58 17.62
C ALA A 304 8.43 -24.84 18.42
N LEU A 305 8.89 -24.71 19.67
CA LEU A 305 9.15 -25.88 20.51
C LEU A 305 7.97 -26.26 21.39
N LYS A 306 7.13 -25.30 21.78
CA LYS A 306 5.98 -25.56 22.64
C LYS A 306 4.66 -25.54 21.90
N ALA A 307 4.60 -24.91 20.72
CA ALA A 307 3.41 -24.80 19.88
C ALA A 307 2.31 -23.96 20.50
N ASP A 308 2.53 -23.38 21.68
CA ASP A 308 1.55 -22.49 22.27
C ASP A 308 1.65 -21.11 21.63
N ARG A 309 0.54 -20.36 21.69
CA ARG A 309 0.50 -19.02 21.14
C ARG A 309 1.16 -18.07 22.13
N ALA A 310 2.41 -17.72 21.87
CA ALA A 310 3.16 -16.81 22.73
C ALA A 310 2.87 -15.34 22.43
N GLY A 311 2.13 -15.05 21.38
CA GLY A 311 1.79 -13.68 21.07
C GLY A 311 1.00 -13.61 19.78
N VAL A 312 0.38 -12.46 19.57
CA VAL A 312 -0.41 -12.19 18.38
C VAL A 312 -0.07 -10.80 17.87
N LEU A 313 0.15 -10.69 16.57
CA LEU A 313 0.40 -9.38 15.94
C LEU A 313 -0.91 -8.81 15.39
N ALA A 314 -1.87 -8.64 16.29
CA ALA A 314 -3.13 -8.03 15.93
C ALA A 314 -2.91 -6.57 15.53
N GLY A 315 -3.70 -6.11 14.57
CA GLY A 315 -3.53 -4.78 14.04
C GLY A 315 -3.72 -4.73 12.53
N HIS A 316 -3.97 -5.90 11.94
CA HIS A 316 -4.24 -6.01 10.51
C HIS A 316 -5.75 -6.16 10.31
N ASP A 317 -6.29 -5.34 9.41
CA ASP A 317 -7.73 -5.26 9.20
C ASP A 317 -8.18 -6.22 8.11
N ASN A 318 -7.31 -7.15 7.71
CA ASN A 318 -7.67 -8.12 6.67
C ASN A 318 -6.67 -9.28 6.72
N ARG A 319 -6.79 -10.18 5.76
CA ARG A 319 -5.97 -11.38 5.72
C ARG A 319 -4.48 -11.04 5.72
N VAL A 320 -3.73 -11.75 6.56
CA VAL A 320 -2.28 -11.57 6.64
C VAL A 320 -1.65 -12.51 5.62
N SER A 321 -1.07 -11.95 4.57
CA SER A 321 -0.63 -12.74 3.42
C SER A 321 0.85 -13.08 3.45
N CYS A 322 1.70 -12.19 3.99
CA CYS A 322 3.14 -12.36 3.88
C CYS A 322 3.82 -11.91 5.17
N LEU A 323 4.86 -12.64 5.56
CA LEU A 323 5.67 -12.31 6.71
C LEU A 323 7.13 -12.16 6.30
N GLY A 324 7.96 -11.86 7.30
CA GLY A 324 9.39 -11.74 7.10
C GLY A 324 10.10 -11.42 8.40
N VAL A 325 11.42 -11.65 8.44
CA VAL A 325 12.23 -11.34 9.60
C VAL A 325 13.59 -10.85 9.11
N THR A 326 14.22 -9.99 9.90
CA THR A 326 15.54 -9.48 9.55
C THR A 326 16.58 -10.58 9.75
N ASP A 327 17.70 -10.43 9.03
CA ASP A 327 18.82 -11.35 9.21
C ASP A 327 19.42 -11.22 10.60
N ASP A 328 19.37 -10.03 11.20
CA ASP A 328 19.79 -9.83 12.58
C ASP A 328 18.65 -9.95 13.57
N GLY A 329 17.42 -10.17 13.10
CA GLY A 329 16.29 -10.38 13.99
C GLY A 329 15.85 -9.15 14.74
N MET A 330 16.08 -7.95 14.20
CA MET A 330 15.73 -6.75 14.93
C MET A 330 14.30 -6.30 14.69
N ALA A 331 13.54 -7.02 13.86
CA ALA A 331 12.18 -6.61 13.56
C ALA A 331 11.43 -7.73 12.86
N VAL A 332 10.13 -7.50 12.67
CA VAL A 332 9.25 -8.40 11.93
C VAL A 332 8.37 -7.56 11.04
N ALA A 333 8.29 -7.91 9.76
CA ALA A 333 7.39 -7.27 8.81
C ALA A 333 6.23 -8.21 8.53
N THR A 334 5.01 -7.66 8.59
CA THR A 334 3.80 -8.42 8.32
C THR A 334 2.96 -7.66 7.31
N GLY A 335 2.51 -8.36 6.29
CA GLY A 335 1.68 -7.76 5.26
C GLY A 335 0.31 -8.39 5.26
N SER A 336 -0.66 -7.67 4.68
CA SER A 336 -2.03 -8.10 4.68
C SER A 336 -2.76 -7.50 3.49
N TRP A 337 -4.01 -7.93 3.31
CA TRP A 337 -4.83 -7.46 2.20
C TRP A 337 -5.34 -6.03 2.40
N ASP A 338 -5.15 -5.45 3.58
CA ASP A 338 -5.58 -4.07 3.82
C ASP A 338 -4.60 -3.05 3.26
N SER A 339 -3.58 -3.49 2.52
CA SER A 339 -2.65 -2.65 1.79
C SER A 339 -1.62 -1.97 2.68
N PHE A 340 -1.44 -2.44 3.92
CA PHE A 340 -0.50 -1.83 4.84
C PHE A 340 0.50 -2.86 5.34
N LEU A 341 1.78 -2.54 5.18
CA LEU A 341 2.86 -3.29 5.82
C LEU A 341 3.15 -2.66 7.18
N LYS A 342 3.61 -3.51 8.11
CA LYS A 342 3.89 -3.06 9.47
C LYS A 342 5.16 -3.75 9.95
N ILE A 343 6.12 -2.94 10.40
CA ILE A 343 7.34 -3.44 11.01
C ILE A 343 7.14 -3.42 12.52
N TRP A 344 7.35 -4.57 13.16
CA TRP A 344 7.03 -4.76 14.57
C TRP A 344 8.30 -5.03 15.35
N ASN A 345 8.31 -4.63 16.61
CA ASN A 345 9.39 -4.98 17.53
C ASN A 345 9.12 -4.44 18.94
N ILE B 9 4.33 -49.40 -18.86
CA ILE B 9 4.72 -50.02 -17.56
C ILE B 9 5.73 -49.13 -16.85
N ALA B 10 6.52 -48.38 -17.64
CA ALA B 10 7.55 -47.52 -17.06
C ALA B 10 6.96 -46.41 -16.21
N GLN B 11 5.70 -46.03 -16.45
CA GLN B 11 5.10 -44.91 -15.74
C GLN B 11 5.12 -45.13 -14.24
N ALA B 12 4.72 -46.33 -13.80
CA ALA B 12 4.79 -46.68 -12.39
C ALA B 12 6.17 -47.16 -11.97
N ARG B 13 6.97 -47.66 -12.91
CA ARG B 13 8.32 -48.08 -12.57
C ARG B 13 9.15 -46.90 -12.06
N LYS B 14 9.03 -45.74 -12.72
CA LYS B 14 9.78 -44.58 -12.26
C LYS B 14 9.29 -44.12 -10.89
N LEU B 15 7.98 -44.19 -10.65
CA LEU B 15 7.45 -43.80 -9.34
C LEU B 15 7.99 -44.72 -8.25
N VAL B 16 7.98 -46.04 -8.48
CA VAL B 16 8.49 -46.95 -7.46
C VAL B 16 9.99 -46.77 -7.29
N GLU B 17 10.71 -46.46 -8.35
CA GLU B 17 12.15 -46.22 -8.22
C GLU B 17 12.41 -44.95 -7.41
N GLN B 18 11.58 -43.92 -7.58
CA GLN B 18 11.70 -42.73 -6.75
C GLN B 18 11.40 -43.06 -5.28
N LEU B 19 10.39 -43.89 -5.04
CA LEU B 19 10.12 -44.34 -3.69
C LEU B 19 11.32 -45.09 -3.12
N LYS B 20 11.97 -45.90 -3.94
CA LYS B 20 13.17 -46.62 -3.50
C LYS B 20 14.29 -45.65 -3.14
N MET B 21 14.50 -44.61 -3.95
CA MET B 21 15.52 -43.62 -3.61
C MET B 21 15.16 -42.95 -2.29
N GLU B 22 13.89 -42.61 -2.09
CA GLU B 22 13.46 -42.06 -0.81
C GLU B 22 13.65 -43.05 0.33
N ALA B 23 13.70 -44.35 0.03
CA ALA B 23 13.86 -45.35 1.08
C ALA B 23 15.28 -45.34 1.64
N ASN B 24 16.28 -45.45 0.76
CA ASN B 24 17.68 -45.54 1.18
C ASN B 24 18.16 -44.16 1.62
N ILE B 25 17.89 -43.85 2.89
CA ILE B 25 18.26 -42.56 3.48
C ILE B 25 18.91 -42.82 4.84
N ASP B 26 19.92 -42.03 5.15
CA ASP B 26 20.61 -42.13 6.44
C ASP B 26 19.69 -41.51 7.50
N ARG B 27 18.70 -42.29 7.91
CA ARG B 27 17.68 -41.80 8.83
C ARG B 27 18.29 -41.50 10.20
N ILE B 28 17.87 -40.38 10.79
CA ILE B 28 18.34 -39.93 12.10
C ILE B 28 17.11 -39.83 13.00
N LYS B 29 17.20 -40.44 14.19
CA LYS B 29 16.03 -40.51 15.07
C LYS B 29 15.47 -39.12 15.35
N VAL B 30 14.15 -39.06 15.53
CA VAL B 30 13.48 -37.78 15.71
C VAL B 30 14.01 -37.06 16.94
N SER B 31 14.30 -37.82 18.01
CA SER B 31 14.83 -37.20 19.22
C SER B 31 16.14 -36.47 18.94
N LYS B 32 17.02 -37.08 18.14
CA LYS B 32 18.28 -36.43 17.78
C LYS B 32 18.02 -35.13 17.04
N ALA B 33 17.06 -35.14 16.09
CA ALA B 33 16.73 -33.92 15.38
C ALA B 33 16.19 -32.85 16.32
N ALA B 34 15.30 -33.24 17.24
CA ALA B 34 14.74 -32.29 18.19
C ALA B 34 15.84 -31.63 19.01
N ALA B 35 16.79 -32.42 19.50
CA ALA B 35 17.89 -31.85 20.26
C ALA B 35 18.69 -30.87 19.42
N ASP B 36 18.87 -31.17 18.13
CA ASP B 36 19.59 -30.26 17.25
C ASP B 36 18.92 -28.89 17.22
N LEU B 37 17.61 -28.86 16.94
CA LEU B 37 16.91 -27.59 16.88
C LEU B 37 16.93 -26.87 18.22
N MET B 38 16.70 -27.60 19.31
CA MET B 38 16.68 -26.97 20.62
C MET B 38 18.03 -26.34 20.94
N ALA B 39 19.13 -27.08 20.71
CA ALA B 39 20.45 -26.54 20.99
C ALA B 39 20.76 -25.34 20.10
N TYR B 40 20.41 -25.43 18.82
CA TYR B 40 20.70 -24.31 17.92
C TYR B 40 19.97 -23.06 18.35
N CYS B 41 18.70 -23.17 18.71
CA CYS B 41 17.96 -22.01 19.17
C CYS B 41 18.37 -21.55 20.56
N GLU B 42 18.95 -22.43 21.37
CA GLU B 42 19.48 -22.03 22.66
C GLU B 42 20.80 -21.28 22.54
N ALA B 43 21.62 -21.61 21.55
CA ALA B 43 22.91 -20.97 21.39
C ALA B 43 22.80 -19.55 20.86
N HIS B 44 21.86 -19.27 19.98
CA HIS B 44 21.71 -17.96 19.36
C HIS B 44 20.62 -17.13 20.04
N ALA B 45 20.39 -17.36 21.33
CA ALA B 45 19.31 -16.70 22.03
C ALA B 45 19.67 -15.27 22.44
N LYS B 46 20.88 -15.05 22.97
CA LYS B 46 21.24 -13.73 23.47
C LYS B 46 21.28 -12.68 22.36
N GLU B 47 21.42 -13.10 21.10
CA GLU B 47 21.51 -12.17 19.98
C GLU B 47 20.22 -12.15 19.16
N ASP B 48 19.08 -12.39 19.80
CA ASP B 48 17.79 -12.42 19.12
C ASP B 48 16.92 -11.28 19.65
N PRO B 49 16.87 -10.13 18.96
CA PRO B 49 16.03 -9.03 19.47
C PRO B 49 14.58 -9.39 19.64
N LEU B 50 14.01 -10.19 18.73
CA LEU B 50 12.59 -10.52 18.81
C LEU B 50 12.24 -11.25 20.10
N LEU B 51 13.21 -11.92 20.72
CA LEU B 51 12.98 -12.63 21.98
C LEU B 51 13.36 -11.80 23.20
N THR B 52 14.45 -11.03 23.10
CA THR B 52 14.88 -10.13 24.16
C THR B 52 15.12 -8.76 23.55
N PRO B 53 14.11 -7.88 23.56
CA PRO B 53 14.23 -6.62 22.81
C PRO B 53 15.42 -5.81 23.26
N VAL B 54 16.05 -5.14 22.29
CA VAL B 54 17.25 -4.33 22.52
C VAL B 54 16.84 -3.03 23.21
N PRO B 55 17.68 -2.46 24.08
CA PRO B 55 17.33 -1.16 24.67
C PRO B 55 17.12 -0.10 23.61
N ALA B 56 16.25 0.86 23.94
CA ALA B 56 15.83 1.86 22.96
C ALA B 56 16.99 2.58 22.32
N SER B 57 18.10 2.74 23.05
CA SER B 57 19.25 3.47 22.49
C SER B 57 19.77 2.79 21.23
N GLU B 58 19.99 1.48 21.29
CA GLU B 58 20.51 0.75 20.15
C GLU B 58 19.41 0.36 19.15
N ASN B 59 18.14 0.42 19.56
CA ASN B 59 17.04 0.05 18.69
C ASN B 59 16.99 1.01 17.50
N PRO B 60 17.32 0.55 16.28
CA PRO B 60 17.32 1.48 15.14
C PRO B 60 15.95 2.07 14.84
N PHE B 61 14.87 1.37 15.17
CA PHE B 61 13.53 1.88 14.90
C PHE B 61 13.04 2.80 16.01
N SER C 34 -37.25 29.27 38.22
CA SER C 34 -38.59 28.64 38.00
C SER C 34 -38.42 27.19 37.57
N TRP C 35 -39.50 26.40 37.72
CA TRP C 35 -39.44 25.00 37.35
C TRP C 35 -39.18 24.83 35.85
N THR C 36 -39.76 25.70 35.03
CA THR C 36 -39.52 25.62 33.60
C THR C 36 -38.04 25.77 33.28
N SER C 37 -37.37 26.72 33.93
CA SER C 37 -35.94 26.91 33.69
C SER C 37 -35.14 25.69 34.10
N VAL C 38 -35.48 25.08 35.24
CA VAL C 38 -34.76 23.90 35.70
C VAL C 38 -34.93 22.75 34.72
N THR C 39 -36.17 22.53 34.27
CA THR C 39 -36.41 21.48 33.28
C THR C 39 -35.66 21.76 31.98
N TYR C 40 -35.64 23.02 31.56
CA TYR C 40 -34.89 23.41 30.37
C TYR C 40 -33.42 23.07 30.51
N ILE C 41 -32.82 23.43 31.64
CA ILE C 41 -31.40 23.14 31.86
C ILE C 41 -31.16 21.65 31.83
N THR C 42 -32.00 20.88 32.53
CA THR C 42 -31.80 19.44 32.61
C THR C 42 -31.89 18.79 31.23
N VAL C 43 -32.94 19.10 30.48
CA VAL C 43 -33.10 18.50 29.16
C VAL C 43 -31.97 18.92 28.25
N GLU C 44 -31.57 20.19 28.29
CA GLU C 44 -30.49 20.67 27.44
C GLU C 44 -29.20 19.93 27.75
N ILE C 45 -28.86 19.78 29.02
CA ILE C 45 -27.58 19.14 29.37
C ILE C 45 -27.61 17.66 29.01
N LEU C 46 -28.74 16.99 29.25
CA LEU C 46 -28.84 15.58 28.86
C LEU C 46 -28.66 15.42 27.35
N ILE C 47 -29.33 16.28 26.58
CA ILE C 47 -29.25 16.18 25.13
C ILE C 47 -27.84 16.47 24.64
N GLY C 48 -27.17 17.45 25.26
CA GLY C 48 -25.79 17.74 24.87
C GLY C 48 -24.85 16.59 25.17
N LEU C 49 -25.02 15.94 26.33
CA LEU C 49 -24.21 14.76 26.63
C LEU C 49 -24.46 13.67 25.61
N CYS C 50 -25.73 13.45 25.24
CA CYS C 50 -26.04 12.44 24.23
C CYS C 50 -25.35 12.74 22.92
N ALA C 51 -25.41 14.00 22.47
CA ALA C 51 -24.77 14.37 21.21
C ALA C 51 -23.26 14.18 21.30
N ILE C 52 -22.66 14.57 22.42
CA ILE C 52 -21.22 14.39 22.59
C ILE C 52 -20.85 12.93 22.42
N VAL C 53 -21.56 12.04 23.13
CA VAL C 53 -21.23 10.63 23.08
C VAL C 53 -21.41 10.08 21.67
N GLY C 54 -22.53 10.42 21.03
CA GLY C 54 -22.81 9.87 19.71
C GLY C 54 -21.78 10.28 18.69
N ASN C 55 -21.45 11.57 18.64
CA ASN C 55 -20.51 12.03 17.62
C ASN C 55 -19.10 11.59 17.93
N VAL C 56 -18.73 11.48 19.21
CA VAL C 56 -17.44 10.92 19.57
C VAL C 56 -17.35 9.48 19.08
N LEU C 57 -18.43 8.71 19.27
CA LEU C 57 -18.43 7.33 18.79
C LEU C 57 -18.29 7.27 17.27
N VAL C 58 -18.97 8.16 16.55
CA VAL C 58 -18.88 8.15 15.10
C VAL C 58 -17.45 8.44 14.65
N ILE C 59 -16.81 9.47 15.21
CA ILE C 59 -15.45 9.79 14.83
C ILE C 59 -14.51 8.65 15.21
N TRP C 60 -14.69 8.08 16.39
CA TRP C 60 -13.89 6.93 16.82
C TRP C 60 -13.97 5.82 15.79
N VAL C 61 -15.20 5.43 15.43
CA VAL C 61 -15.37 4.32 14.50
C VAL C 61 -14.72 4.62 13.16
N VAL C 62 -14.90 5.86 12.66
CA VAL C 62 -14.33 6.19 11.36
C VAL C 62 -12.80 6.11 11.40
N LYS C 63 -12.20 6.60 12.48
CA LYS C 63 -10.74 6.67 12.53
C LYS C 63 -10.09 5.31 12.82
N LEU C 64 -10.72 4.45 13.61
CA LEU C 64 -10.10 3.15 13.88
C LEU C 64 -9.95 2.32 12.61
N ASN C 65 -11.01 2.19 11.81
CA ASN C 65 -10.98 1.31 10.65
C ASN C 65 -10.63 2.12 9.42
N PRO C 66 -9.47 1.89 8.78
CA PRO C 66 -9.14 2.64 7.56
C PRO C 66 -10.08 2.37 6.41
N SER C 67 -10.84 1.29 6.43
CA SER C 67 -11.73 0.97 5.31
C SER C 67 -12.85 2.00 5.15
N LEU C 68 -13.07 2.85 6.16
CA LEU C 68 -14.16 3.82 6.15
C LEU C 68 -13.64 5.25 5.97
N GLN C 69 -12.65 5.43 5.09
CA GLN C 69 -12.06 6.74 4.89
C GLN C 69 -12.23 7.21 3.46
N THR C 70 -13.43 7.04 2.91
CA THR C 70 -13.77 7.49 1.58
C THR C 70 -14.57 8.80 1.67
N THR C 71 -15.10 9.23 0.53
CA THR C 71 -15.76 10.53 0.46
C THR C 71 -16.92 10.63 1.46
N THR C 72 -17.79 9.62 1.44
CA THR C 72 -18.97 9.66 2.30
C THR C 72 -18.58 9.83 3.76
N PHE C 73 -17.54 9.12 4.20
CA PHE C 73 -17.12 9.25 5.59
C PHE C 73 -16.40 10.56 5.85
N TYR C 74 -15.79 11.18 4.84
CA TYR C 74 -15.32 12.55 5.01
C TYR C 74 -16.48 13.48 5.34
N PHE C 75 -17.57 13.39 4.58
CA PHE C 75 -18.73 14.21 4.88
C PHE C 75 -19.29 13.89 6.26
N ILE C 76 -19.36 12.60 6.61
CA ILE C 76 -19.94 12.21 7.88
C ILE C 76 -19.10 12.73 9.04
N VAL C 77 -17.77 12.65 8.93
CA VAL C 77 -16.93 13.15 10.01
C VAL C 77 -16.97 14.67 10.08
N SER C 78 -17.11 15.37 8.96
CA SER C 78 -17.30 16.82 9.04
C SER C 78 -18.59 17.15 9.77
N LEU C 79 -19.66 16.41 9.47
CA LEU C 79 -20.91 16.62 10.20
C LEU C 79 -20.75 16.30 11.68
N ALA C 80 -20.01 15.25 11.99
CA ALA C 80 -19.77 14.91 13.39
C ALA C 80 -19.01 16.02 14.10
N LEU C 81 -18.02 16.61 13.43
CA LEU C 81 -17.30 17.73 14.03
C LEU C 81 -18.23 18.91 14.30
N ALA C 82 -19.07 19.24 13.32
CA ALA C 82 -20.02 20.33 13.52
C ALA C 82 -20.95 20.05 14.68
N ASP C 83 -21.41 18.80 14.81
CA ASP C 83 -22.35 18.47 15.88
C ASP C 83 -21.66 18.44 17.23
N ILE C 84 -20.39 18.03 17.29
CA ILE C 84 -19.63 18.13 18.53
C ILE C 84 -19.49 19.59 18.94
N ALA C 85 -19.23 20.47 17.97
CA ALA C 85 -19.19 21.89 18.28
C ALA C 85 -20.53 22.38 18.82
N VAL C 86 -21.63 21.93 18.19
CA VAL C 86 -22.97 22.29 18.66
C VAL C 86 -23.30 21.67 20.01
N GLY C 87 -22.59 20.63 20.42
CA GLY C 87 -22.92 19.94 21.65
C GLY C 87 -22.10 20.34 22.86
N VAL C 88 -20.83 20.69 22.66
CA VAL C 88 -19.95 20.98 23.79
C VAL C 88 -20.01 22.45 24.18
N LEU C 89 -20.15 23.34 23.21
CA LEU C 89 -20.19 24.77 23.46
C LEU C 89 -21.61 25.33 23.50
N VAL C 90 -22.40 25.06 22.46
CA VAL C 90 -23.72 25.68 22.36
C VAL C 90 -24.62 25.27 23.51
N MET C 91 -24.35 24.12 24.14
CA MET C 91 -25.15 23.72 25.30
C MET C 91 -24.80 24.57 26.52
N PRO C 92 -23.55 24.59 27.01
CA PRO C 92 -23.23 25.51 28.11
C PRO C 92 -23.49 26.95 27.77
N LEU C 93 -23.24 27.34 26.51
CA LEU C 93 -23.52 28.71 26.11
C LEU C 93 -25.00 29.03 26.22
N ALA C 94 -25.86 28.10 25.80
CA ALA C 94 -27.30 28.31 25.93
C ALA C 94 -27.69 28.41 27.40
N ILE C 95 -27.18 27.51 28.23
CA ILE C 95 -27.49 27.57 29.66
C ILE C 95 -27.11 28.93 30.23
N VAL C 96 -25.91 29.40 29.91
CA VAL C 96 -25.45 30.68 30.46
C VAL C 96 -26.27 31.84 29.91
N ILE C 97 -26.59 31.82 28.61
CA ILE C 97 -27.32 32.92 28.00
C ILE C 97 -28.72 33.02 28.60
N SER C 98 -29.34 31.89 28.88
CA SER C 98 -30.68 31.92 29.47
C SER C 98 -30.67 32.60 30.84
N LEU C 99 -29.65 32.32 31.65
CA LEU C 99 -29.63 32.82 33.02
C LEU C 99 -29.55 34.34 33.10
N GLY C 100 -29.18 35.01 32.00
CA GLY C 100 -29.21 36.46 31.96
C GLY C 100 -28.22 37.15 32.88
N VAL C 101 -26.97 36.67 32.91
CA VAL C 101 -25.93 37.31 33.70
C VAL C 101 -25.50 38.61 33.01
N THR C 102 -24.91 39.50 33.80
CA THR C 102 -24.42 40.78 33.28
C THR C 102 -22.96 40.61 32.89
N ILE C 103 -22.72 40.39 31.60
CA ILE C 103 -21.38 40.05 31.11
C ILE C 103 -20.95 40.98 29.99
N HIS C 104 -21.45 42.22 30.00
CA HIS C 104 -21.10 43.19 28.96
C HIS C 104 -21.71 42.81 27.62
N PHE C 105 -22.01 43.83 26.81
CA PHE C 105 -22.66 43.62 25.52
C PHE C 105 -21.89 42.63 24.65
N TYR C 106 -20.59 42.88 24.46
CA TYR C 106 -19.88 42.22 23.37
C TYR C 106 -19.56 40.76 23.68
N SER C 107 -19.35 40.40 24.94
CA SER C 107 -19.23 38.99 25.28
C SER C 107 -20.52 38.25 24.96
N CYS C 108 -21.67 38.86 25.27
CA CYS C 108 -22.95 38.24 24.95
C CYS C 108 -23.10 38.05 23.45
N LEU C 109 -22.78 39.09 22.67
CA LEU C 109 -22.87 38.95 21.22
C LEU C 109 -21.90 37.90 20.71
N PHE C 110 -20.71 37.79 21.30
CA PHE C 110 -19.77 36.74 20.95
C PHE C 110 -20.37 35.36 21.16
N MET C 111 -21.02 35.17 22.31
CA MET C 111 -21.63 33.87 22.59
C MET C 111 -22.69 33.54 21.55
N THR C 112 -23.56 34.50 21.23
CA THR C 112 -24.62 34.23 20.26
C THR C 112 -24.05 33.96 18.87
N CYS C 113 -22.99 34.67 18.48
CA CYS C 113 -22.38 34.43 17.18
C CYS C 113 -21.74 33.05 17.13
N LEU C 114 -21.14 32.61 18.24
CA LEU C 114 -20.64 31.24 18.32
C LEU C 114 -21.77 30.24 18.09
N MET C 115 -22.90 30.47 18.77
CA MET C 115 -24.07 29.61 18.57
C MET C 115 -24.41 29.49 17.09
N LEU C 116 -24.51 30.64 16.42
CA LEU C 116 -24.96 30.62 15.03
C LEU C 116 -23.94 29.94 14.13
N ILE C 117 -22.65 30.23 14.30
CA ILE C 117 -21.65 29.60 13.44
C ILE C 117 -21.75 28.08 13.56
N PHE C 118 -21.86 27.57 14.79
CA PHE C 118 -21.82 26.12 14.97
C PHE C 118 -23.10 25.45 14.44
N THR C 119 -24.27 26.03 14.75
CA THR C 119 -25.50 25.45 14.23
C THR C 119 -25.52 25.46 12.71
N HIS C 120 -25.11 26.58 12.10
CA HIS C 120 -25.11 26.63 10.65
C HIS C 120 -24.05 25.72 10.06
N ALA C 121 -22.97 25.45 10.79
CA ALA C 121 -22.00 24.46 10.33
C ALA C 121 -22.64 23.08 10.25
N SER C 122 -23.40 22.71 11.28
CA SER C 122 -24.10 21.42 11.21
C SER C 122 -25.08 21.37 10.05
N ILE C 123 -25.85 22.45 9.88
CA ILE C 123 -26.84 22.47 8.79
C ILE C 123 -26.15 22.35 7.44
N MET C 124 -25.03 23.06 7.26
CA MET C 124 -24.29 22.98 6.01
C MET C 124 -23.69 21.60 5.80
N SER C 125 -23.29 20.92 6.87
CA SER C 125 -22.83 19.53 6.73
C SER C 125 -23.95 18.66 6.17
N LEU C 126 -25.18 18.82 6.70
CA LEU C 126 -26.30 18.06 6.18
C LEU C 126 -26.54 18.37 4.71
N LEU C 127 -26.50 19.66 4.34
CA LEU C 127 -26.73 20.04 2.96
C LEU C 127 -25.67 19.43 2.04
N ALA C 128 -24.41 19.45 2.46
CA ALA C 128 -23.33 18.87 1.67
C ALA C 128 -23.52 17.37 1.50
N ILE C 129 -23.94 16.68 2.56
CA ILE C 129 -24.19 15.24 2.45
C ILE C 129 -25.29 14.98 1.42
N ALA C 130 -26.35 15.76 1.48
CA ALA C 130 -27.43 15.58 0.51
C ALA C 130 -26.93 15.79 -0.92
N VAL C 131 -26.15 16.86 -1.13
CA VAL C 131 -25.66 17.12 -2.49
C VAL C 131 -24.72 16.01 -2.93
N ASP C 132 -23.91 15.47 -2.02
CA ASP C 132 -23.03 14.37 -2.38
C ASP C 132 -23.82 13.14 -2.81
N ARG C 133 -24.88 12.81 -2.06
CA ARG C 133 -25.72 11.67 -2.46
C ARG C 133 -26.34 11.92 -3.82
N TYR C 134 -26.80 13.14 -4.06
CA TYR C 134 -27.37 13.46 -5.37
C TYR C 134 -26.34 13.29 -6.47
N LEU C 135 -25.10 13.70 -6.21
CA LEU C 135 -24.06 13.56 -7.21
C LEU C 135 -23.78 12.10 -7.50
N ARG C 136 -23.70 11.27 -6.45
CA ARG C 136 -23.51 9.84 -6.67
C ARG C 136 -24.62 9.26 -7.53
N VAL C 137 -25.87 9.61 -7.24
CA VAL C 137 -26.98 9.05 -8.00
C VAL C 137 -26.95 9.55 -9.44
N LYS C 138 -26.69 10.84 -9.63
CA LYS C 138 -26.81 11.47 -10.93
C LYS C 138 -25.52 11.44 -11.76
N LEU C 139 -24.37 11.19 -11.13
CA LEU C 139 -23.13 11.09 -11.89
C LEU C 139 -22.93 9.69 -12.45
N THR C 140 -23.37 8.66 -11.73
CA THR C 140 -23.24 7.28 -12.18
C THR C 140 -21.78 6.84 -12.18
N VAL C 141 -21.23 6.54 -13.36
CA VAL C 141 -19.86 6.04 -13.41
C VAL C 141 -18.86 7.14 -13.09
N ARG C 142 -19.11 8.36 -13.60
CA ARG C 142 -18.13 9.43 -13.49
C ARG C 142 -17.99 10.00 -12.09
N TYR C 143 -18.63 9.41 -11.08
CA TYR C 143 -18.56 9.97 -9.73
C TYR C 143 -17.12 9.98 -9.21
N ARG C 144 -16.53 8.81 -9.04
CA ARG C 144 -15.18 8.74 -8.49
C ARG C 144 -14.18 9.51 -9.34
N ARG C 145 -14.44 9.64 -10.64
CA ARG C 145 -13.57 10.40 -11.53
C ARG C 145 -13.68 11.90 -11.33
N VAL C 146 -14.88 12.42 -11.05
CA VAL C 146 -15.08 13.85 -10.96
C VAL C 146 -14.87 14.41 -9.56
N THR C 147 -15.00 13.59 -8.52
CA THR C 147 -14.89 14.05 -7.14
C THR C 147 -13.63 13.45 -6.53
N THR C 148 -12.63 14.29 -6.29
CA THR C 148 -11.35 13.89 -5.72
C THR C 148 -11.21 14.43 -4.30
N GLN C 149 -10.19 13.93 -3.60
CA GLN C 149 -10.02 14.26 -2.19
C GLN C 149 -9.91 15.77 -1.97
N ARG C 150 -9.08 16.43 -2.78
CA ARG C 150 -8.85 17.85 -2.58
C ARG C 150 -10.12 18.65 -2.87
N ARG C 151 -10.90 18.25 -3.87
CA ARG C 151 -12.17 18.91 -4.12
C ARG C 151 -13.13 18.75 -2.94
N ILE C 152 -13.16 17.57 -2.33
CA ILE C 152 -14.01 17.34 -1.18
C ILE C 152 -13.59 18.24 -0.02
N TRP C 153 -12.29 18.32 0.25
CA TRP C 153 -11.83 19.20 1.32
C TRP C 153 -12.12 20.65 1.00
N LEU C 154 -11.99 21.06 -0.26
CA LEU C 154 -12.37 22.42 -0.65
C LEU C 154 -13.83 22.69 -0.36
N ALA C 155 -14.72 21.77 -0.72
CA ALA C 155 -16.14 21.95 -0.44
C ALA C 155 -16.42 22.03 1.06
N LEU C 156 -15.81 21.15 1.85
CA LEU C 156 -16.04 21.16 3.29
C LEU C 156 -15.54 22.46 3.90
N GLY C 157 -14.36 22.92 3.48
CA GLY C 157 -13.84 24.18 3.99
C GLY C 157 -14.70 25.36 3.59
N LEU C 158 -15.21 25.35 2.35
CA LEU C 158 -16.10 26.42 1.93
C LEU C 158 -17.37 26.45 2.79
N CYS C 159 -17.93 25.28 3.06
CA CYS C 159 -19.14 25.23 3.91
C CYS C 159 -18.85 25.77 5.30
N TRP C 160 -17.76 25.32 5.92
CA TRP C 160 -17.44 25.79 7.26
C TRP C 160 -17.13 27.29 7.28
N LEU C 161 -16.44 27.78 6.25
CA LEU C 161 -16.15 29.21 6.18
C LEU C 161 -17.43 30.02 6.03
N VAL C 162 -18.38 29.54 5.22
CA VAL C 162 -19.66 30.23 5.10
C VAL C 162 -20.39 30.24 6.43
N SER C 163 -20.34 29.13 7.16
CA SER C 163 -20.97 29.09 8.48
C SER C 163 -20.34 30.11 9.41
N PHE C 164 -19.00 30.17 9.44
CA PHE C 164 -18.32 31.15 10.27
C PHE C 164 -18.72 32.56 9.90
N LEU C 165 -18.74 32.87 8.60
CA LEU C 165 -19.10 34.21 8.15
C LEU C 165 -20.52 34.55 8.58
N VAL C 166 -21.46 33.64 8.37
CA VAL C 166 -22.85 33.92 8.71
C VAL C 166 -22.99 34.18 10.20
N GLY C 167 -22.35 33.35 11.03
CA GLY C 167 -22.53 33.47 12.47
C GLY C 167 -21.78 34.63 13.09
N LEU C 168 -20.68 35.07 12.48
CA LEU C 168 -19.92 36.20 12.99
C LEU C 168 -20.26 37.52 12.31
N THR C 169 -21.16 37.52 11.34
CA THR C 169 -21.61 38.78 10.75
C THR C 169 -22.18 39.76 11.78
N PRO C 170 -22.95 39.34 12.78
CA PRO C 170 -23.59 40.33 13.67
C PRO C 170 -22.61 41.30 14.32
N MET C 171 -21.40 40.87 14.64
CA MET C 171 -20.43 41.75 15.28
C MET C 171 -20.13 42.99 14.44
N PHE C 172 -20.37 42.94 13.14
CA PHE C 172 -20.02 44.02 12.22
C PHE C 172 -21.18 44.96 11.96
N GLY C 173 -22.07 45.15 12.93
CA GLY C 173 -23.08 46.18 12.85
C GLY C 173 -24.50 45.74 13.15
N TRP C 174 -24.89 44.54 12.73
CA TRP C 174 -26.24 44.04 13.00
C TRP C 174 -26.28 43.54 14.43
N ASN C 175 -26.62 44.45 15.34
CA ASN C 175 -26.75 44.13 16.75
C ASN C 175 -27.59 45.22 17.40
N MET C 176 -28.18 44.90 18.55
CA MET C 176 -29.14 45.81 19.15
C MET C 176 -28.48 47.07 19.69
N LYS C 177 -27.15 47.11 19.76
CA LYS C 177 -26.45 48.36 20.07
C LYS C 177 -26.73 49.42 19.01
N LEU C 178 -26.90 49.00 17.76
CA LEU C 178 -27.09 49.95 16.66
C LEU C 178 -28.34 50.79 16.82
N SER C 179 -29.47 50.18 17.21
CA SER C 179 -30.73 50.90 17.32
C SER C 179 -31.06 51.33 18.74
N SER C 180 -30.33 50.86 19.75
CA SER C 180 -30.60 51.25 21.12
C SER C 180 -30.29 52.73 21.32
N ALA C 181 -31.15 53.39 22.10
CA ALA C 181 -30.98 54.82 22.37
C ALA C 181 -30.05 55.10 23.55
N ASP C 182 -29.66 54.07 24.30
CA ASP C 182 -28.73 54.24 25.43
C ASP C 182 -27.35 53.85 24.96
N GLU C 183 -26.65 54.82 24.35
CA GLU C 183 -25.33 54.57 23.79
C GLU C 183 -24.25 54.36 24.84
N ASN C 184 -24.55 54.61 26.11
CA ASN C 184 -23.57 54.44 27.18
C ASN C 184 -23.71 53.10 27.90
N LEU C 185 -24.40 52.14 27.29
CA LEU C 185 -24.63 50.84 27.92
C LEU C 185 -23.44 49.93 27.69
N THR C 186 -22.68 49.65 28.75
CA THR C 186 -21.54 48.74 28.69
C THR C 186 -21.78 47.46 29.47
N PHE C 187 -22.54 47.53 30.55
CA PHE C 187 -22.94 46.35 31.32
C PHE C 187 -24.46 46.23 31.30
N LEU C 188 -24.95 45.06 30.89
CA LEU C 188 -26.38 44.79 30.80
C LEU C 188 -26.59 43.30 30.98
N PRO C 189 -27.80 42.88 31.37
CA PRO C 189 -28.07 41.45 31.47
C PRO C 189 -28.06 40.79 30.11
N CYS C 190 -27.34 39.68 30.01
CA CYS C 190 -27.12 39.02 28.72
C CYS C 190 -28.27 38.08 28.42
N ARG C 191 -29.26 38.57 27.69
CA ARG C 191 -30.36 37.77 27.18
C ARG C 191 -30.30 37.81 25.66
N PHE C 192 -30.57 36.67 25.02
CA PHE C 192 -30.44 36.60 23.57
C PHE C 192 -31.28 37.67 22.89
N ARG C 193 -32.39 38.08 23.50
CA ARG C 193 -33.21 39.15 22.97
C ARG C 193 -32.66 40.54 23.29
N SER C 194 -31.48 40.62 23.91
CA SER C 194 -30.91 41.90 24.29
C SER C 194 -29.83 42.39 23.34
N VAL C 195 -29.21 41.50 22.56
CA VAL C 195 -28.09 41.87 21.71
C VAL C 195 -28.39 41.53 20.26
N MET C 196 -28.88 40.32 20.01
CA MET C 196 -29.16 39.87 18.66
C MET C 196 -30.49 40.44 18.18
N ARG C 197 -30.44 41.27 17.15
CA ARG C 197 -31.65 41.82 16.56
C ARG C 197 -32.46 40.69 15.92
N MET C 198 -33.78 40.74 16.12
CA MET C 198 -34.62 39.65 15.61
C MET C 198 -34.77 39.70 14.10
N ASP C 199 -34.67 40.89 13.51
CA ASP C 199 -34.72 40.97 12.05
C ASP C 199 -33.64 40.12 11.42
N TYR C 200 -32.42 40.17 11.97
CA TYR C 200 -31.34 39.34 11.46
C TYR C 200 -31.63 37.87 11.71
N MET C 201 -32.06 37.52 12.92
CA MET C 201 -32.25 36.12 13.28
C MET C 201 -33.40 35.47 12.52
N VAL C 202 -34.30 36.25 11.93
CA VAL C 202 -35.40 35.68 11.16
C VAL C 202 -35.09 35.78 9.68
N TYR C 203 -34.88 37.00 9.19
CA TYR C 203 -34.69 37.19 7.75
C TYR C 203 -33.41 36.52 7.25
N PHE C 204 -32.35 36.52 8.05
CA PHE C 204 -31.04 36.05 7.59
C PHE C 204 -30.77 34.60 7.97
N SER C 205 -30.82 34.27 9.26
CA SER C 205 -30.53 32.90 9.68
C SER C 205 -31.55 31.94 9.09
N PHE C 206 -32.82 32.08 9.49
CA PHE C 206 -33.84 31.10 9.12
C PHE C 206 -34.07 31.06 7.62
N PHE C 207 -34.30 32.22 7.00
CA PHE C 207 -34.82 32.26 5.64
C PHE C 207 -33.73 32.11 4.58
N LEU C 208 -32.45 32.12 4.97
CA LEU C 208 -31.36 31.93 4.02
C LEU C 208 -30.44 30.77 4.34
N TRP C 209 -30.38 30.30 5.58
CA TRP C 209 -29.45 29.24 5.95
C TRP C 209 -30.06 28.17 6.84
N ILE C 210 -31.37 28.14 7.02
CA ILE C 210 -32.08 27.01 7.60
C ILE C 210 -33.17 26.48 6.67
N LEU C 211 -33.98 27.38 6.11
CA LEU C 211 -35.06 26.98 5.23
C LEU C 211 -34.56 26.54 3.86
N VAL C 212 -33.58 27.26 3.30
CA VAL C 212 -33.04 26.87 2.00
C VAL C 212 -32.42 25.48 2.03
N PRO C 213 -31.62 25.11 3.04
CA PRO C 213 -31.18 23.72 3.13
C PRO C 213 -32.33 22.71 3.15
N LEU C 214 -33.41 23.02 3.87
CA LEU C 214 -34.54 22.09 3.91
C LEU C 214 -35.16 21.94 2.54
N VAL C 215 -35.40 23.05 1.84
CA VAL C 215 -36.04 22.98 0.54
C VAL C 215 -35.16 22.21 -0.45
N VAL C 216 -33.86 22.53 -0.47
CA VAL C 216 -32.97 21.88 -1.44
C VAL C 216 -32.84 20.40 -1.12
N MET C 217 -32.70 20.04 0.15
CA MET C 217 -32.59 18.63 0.52
C MET C 217 -33.87 17.88 0.17
N CYS C 218 -35.03 18.48 0.42
CA CYS C 218 -36.28 17.81 0.08
C CYS C 218 -36.39 17.57 -1.42
N ALA C 219 -36.11 18.58 -2.23
CA ALA C 219 -36.19 18.41 -3.67
C ALA C 219 -35.20 17.36 -4.16
N ILE C 220 -33.97 17.41 -3.64
CA ILE C 220 -32.94 16.44 -4.04
C ILE C 220 -33.36 15.03 -3.67
N TYR C 221 -33.87 14.82 -2.46
CA TYR C 221 -34.27 13.47 -2.07
C TYR C 221 -35.45 12.99 -2.90
N PHE C 222 -36.37 13.88 -3.26
CA PHE C 222 -37.45 13.47 -4.16
C PHE C 222 -36.90 13.01 -5.51
N ASP C 223 -35.96 13.77 -6.07
CA ASP C 223 -35.38 13.37 -7.35
C ASP C 223 -34.61 12.06 -7.22
N ILE C 224 -33.90 11.88 -6.10
CA ILE C 224 -33.14 10.64 -5.88
C ILE C 224 -34.09 9.45 -5.84
N PHE C 225 -35.20 9.60 -5.11
CA PHE C 225 -36.17 8.51 -5.05
C PHE C 225 -36.74 8.21 -6.43
N TYR C 226 -37.06 9.25 -7.20
CA TYR C 226 -37.58 9.03 -8.55
C TYR C 226 -36.59 8.24 -9.39
N ILE C 227 -35.31 8.66 -9.36
CA ILE C 227 -34.30 8.02 -10.20
C ILE C 227 -34.10 6.56 -9.77
N ILE C 228 -33.99 6.31 -8.47
CA ILE C 228 -33.76 4.95 -8.01
C ILE C 228 -34.96 4.07 -8.32
N ARG C 229 -36.17 4.60 -8.19
CA ARG C 229 -37.36 3.82 -8.57
C ARG C 229 -37.32 3.46 -10.05
N ASN C 230 -36.98 4.44 -10.90
CA ASN C 230 -36.91 4.15 -12.33
C ASN C 230 -35.85 3.10 -12.62
N ARG C 231 -34.70 3.16 -11.94
CA ARG C 231 -33.63 2.20 -12.19
C ARG C 231 -34.01 0.81 -11.69
N LEU C 232 -34.56 0.71 -10.49
CA LEU C 232 -34.97 -0.58 -9.94
C LEU C 232 -36.29 -1.01 -10.53
N GLU C 249 -37.83 -1.41 -2.43
CA GLU C 249 -37.10 -0.16 -2.55
C GLU C 249 -37.57 0.87 -1.52
N PHE C 250 -38.61 0.52 -0.77
CA PHE C 250 -39.17 1.45 0.21
C PHE C 250 -38.24 1.67 1.40
N LYS C 251 -37.18 0.87 1.52
CA LYS C 251 -36.15 1.17 2.51
C LYS C 251 -35.50 2.53 2.23
N THR C 252 -35.22 2.81 0.96
CA THR C 252 -34.63 4.09 0.58
C THR C 252 -35.55 5.24 0.95
N ALA C 253 -36.83 5.14 0.58
CA ALA C 253 -37.76 6.22 0.89
C ALA C 253 -37.94 6.36 2.40
N LYS C 254 -37.96 5.25 3.13
CA LYS C 254 -38.07 5.32 4.59
C LYS C 254 -36.89 6.10 5.17
N SER C 255 -35.67 5.78 4.72
CA SER C 255 -34.49 6.47 5.24
C SER C 255 -34.53 7.96 4.89
N LEU C 256 -34.86 8.29 3.65
CA LEU C 256 -34.89 9.70 3.25
C LEU C 256 -35.93 10.46 4.03
N LEU C 257 -37.11 9.87 4.23
CA LEU C 257 -38.16 10.55 4.99
C LEU C 257 -37.77 10.70 6.44
N LEU C 258 -37.09 9.71 7.02
CA LEU C 258 -36.60 9.86 8.39
C LEU C 258 -35.65 11.04 8.48
N VAL C 259 -34.70 11.14 7.55
CA VAL C 259 -33.76 12.26 7.52
C VAL C 259 -34.53 13.58 7.49
N LEU C 260 -35.38 13.74 6.48
CA LEU C 260 -36.08 15.01 6.28
C LEU C 260 -36.97 15.34 7.47
N PHE C 261 -37.70 14.35 7.98
CA PHE C 261 -38.59 14.58 9.10
C PHE C 261 -37.83 15.04 10.34
N LEU C 262 -36.72 14.38 10.66
CA LEU C 262 -35.95 14.83 11.80
C LEU C 262 -35.47 16.26 11.60
N PHE C 263 -34.88 16.55 10.45
CA PHE C 263 -34.35 17.90 10.24
C PHE C 263 -35.45 18.95 10.40
N ALA C 264 -36.59 18.74 9.71
CA ALA C 264 -37.65 19.73 9.75
C ALA C 264 -38.26 19.85 11.15
N LEU C 265 -38.62 18.71 11.76
CA LEU C 265 -39.24 18.76 13.08
C LEU C 265 -38.34 19.41 14.10
N CYS C 266 -37.02 19.37 13.90
CA CYS C 266 -36.11 19.96 14.87
C CYS C 266 -35.72 21.39 14.56
N TRP C 267 -35.80 21.84 13.30
CA TRP C 267 -35.38 23.18 12.97
C TRP C 267 -36.51 24.16 12.66
N LEU C 268 -37.70 23.69 12.29
CA LEU C 268 -38.81 24.58 12.01
C LEU C 268 -39.47 25.13 13.26
N PRO C 269 -39.60 24.36 14.35
CA PRO C 269 -40.27 24.90 15.55
C PRO C 269 -39.63 26.19 16.06
N LEU C 270 -38.33 26.14 16.35
CA LEU C 270 -37.66 27.33 16.86
C LEU C 270 -37.66 28.46 15.84
N SER C 271 -37.53 28.13 14.55
CA SER C 271 -37.57 29.16 13.52
C SER C 271 -38.92 29.87 13.51
N ILE C 272 -40.01 29.11 13.64
CA ILE C 272 -41.34 29.72 13.68
C ILE C 272 -41.50 30.54 14.96
N ILE C 273 -40.94 30.07 16.07
CA ILE C 273 -40.99 30.84 17.31
C ILE C 273 -40.32 32.19 17.11
N ASN C 274 -39.14 32.19 16.49
CA ASN C 274 -38.43 33.44 16.24
C ASN C 274 -39.21 34.33 15.27
N CYS C 275 -39.78 33.73 14.23
CA CYS C 275 -40.55 34.50 13.24
C CYS C 275 -41.76 35.16 13.90
N ILE C 276 -42.39 34.47 14.86
CA ILE C 276 -43.51 35.05 15.58
C ILE C 276 -43.02 36.16 16.49
N LEU C 277 -41.92 35.93 17.20
CA LEU C 277 -41.40 36.94 18.12
C LEU C 277 -40.98 38.22 17.39
N TYR C 278 -40.53 38.10 16.14
CA TYR C 278 -40.16 39.28 15.37
C TYR C 278 -41.36 40.10 14.93
N PHE C 279 -42.52 39.47 14.77
CA PHE C 279 -43.71 40.14 14.28
C PHE C 279 -44.64 40.61 15.41
N ASP C 280 -44.07 40.95 16.57
CA ASP C 280 -44.78 41.52 17.72
C ASP C 280 -45.65 40.50 18.43
N GLY C 281 -45.53 39.22 18.10
CA GLY C 281 -46.34 38.19 18.75
C GLY C 281 -45.83 37.86 20.14
N GLN C 282 -46.59 36.99 20.81
CA GLN C 282 -46.25 36.51 22.14
C GLN C 282 -46.18 35.00 22.14
N VAL C 283 -45.21 34.47 22.87
CA VAL C 283 -44.98 33.02 22.92
C VAL C 283 -44.62 32.62 24.34
N PRO C 284 -45.25 31.59 24.91
CA PRO C 284 -44.86 31.14 26.25
C PRO C 284 -43.40 30.72 26.29
N GLN C 285 -42.79 30.90 27.46
CA GLN C 285 -41.39 30.51 27.64
C GLN C 285 -41.19 29.02 27.35
N THR C 286 -42.19 28.20 27.70
CA THR C 286 -42.06 26.76 27.49
C THR C 286 -41.90 26.43 26.01
N VAL C 287 -42.61 27.14 25.14
CA VAL C 287 -42.50 26.90 23.71
C VAL C 287 -41.09 27.23 23.22
N LEU C 288 -40.51 28.32 23.72
CA LEU C 288 -39.14 28.67 23.35
C LEU C 288 -38.16 27.60 23.79
N TYR C 289 -38.31 27.11 25.03
CA TYR C 289 -37.49 26.01 25.48
C TYR C 289 -37.67 24.79 24.58
N LEU C 290 -38.92 24.53 24.16
CA LEU C 290 -39.19 23.40 23.28
C LEU C 290 -38.39 23.52 21.98
N GLY C 291 -38.44 24.68 21.35
CA GLY C 291 -37.72 24.86 20.10
C GLY C 291 -36.21 24.69 20.26
N ILE C 292 -35.66 25.32 21.30
CA ILE C 292 -34.22 25.23 21.53
C ILE C 292 -33.82 23.78 21.74
N LEU C 293 -34.57 23.07 22.59
CA LEU C 293 -34.27 21.67 22.86
C LEU C 293 -34.40 20.83 21.61
N LEU C 294 -35.35 21.14 20.73
CA LEU C 294 -35.51 20.35 19.51
C LEU C 294 -34.31 20.51 18.59
N SER C 295 -33.80 21.74 18.44
CA SER C 295 -32.59 21.91 17.63
C SER C 295 -31.40 21.17 18.24
N HIS C 296 -31.18 21.40 19.54
CA HIS C 296 -30.03 20.75 20.17
C HIS C 296 -30.23 19.25 20.33
N ALA C 297 -31.43 18.74 20.07
CA ALA C 297 -31.66 17.31 19.97
C ALA C 297 -31.44 16.78 18.56
N ASN C 298 -31.71 17.58 17.53
CA ASN C 298 -31.19 17.24 16.21
C ASN C 298 -29.71 17.02 16.27
N SER C 299 -29.02 17.82 17.10
CA SER C 299 -27.59 17.60 17.33
C SER C 299 -27.28 16.11 17.51
N MET C 300 -27.95 15.45 18.46
CA MET C 300 -27.67 14.04 18.73
C MET C 300 -28.45 13.09 17.83
N MET C 301 -29.48 13.59 17.13
CA MET C 301 -30.25 12.71 16.25
C MET C 301 -29.52 12.44 14.94
N ASN C 302 -28.73 13.40 14.46
CA ASN C 302 -28.01 13.20 13.21
C ASN C 302 -27.17 11.93 13.18
N PRO C 303 -26.40 11.59 14.22
CA PRO C 303 -25.57 10.38 14.15
C PRO C 303 -26.34 9.10 13.97
N ILE C 304 -27.59 9.02 14.44
CA ILE C 304 -28.34 7.77 14.35
C ILE C 304 -29.01 7.60 12.99
N VAL C 305 -28.97 8.62 12.14
CA VAL C 305 -29.71 8.59 10.87
C VAL C 305 -28.80 8.69 9.66
N TYR C 306 -27.53 9.04 9.82
CA TYR C 306 -26.60 9.14 8.71
C TYR C 306 -25.47 8.13 8.80
N ALA C 307 -24.83 8.00 9.95
CA ALA C 307 -23.71 7.08 10.10
C ALA C 307 -24.15 5.64 10.29
N TYR C 308 -25.37 5.42 10.78
CA TYR C 308 -25.83 4.09 11.13
C TYR C 308 -26.58 3.39 10.00
N LYS C 309 -26.77 4.05 8.86
CA LYS C 309 -27.39 3.43 7.71
C LYS C 309 -26.39 2.82 6.74
N ILE C 310 -25.11 2.91 7.04
CA ILE C 310 -24.07 2.27 6.23
C ILE C 310 -23.83 0.87 6.78
N LYS C 311 -23.90 -0.13 5.90
CA LYS C 311 -23.71 -1.50 6.36
C LYS C 311 -22.34 -1.68 6.99
N LYS C 312 -21.29 -1.17 6.34
CA LYS C 312 -19.94 -1.32 6.88
C LYS C 312 -19.83 -0.65 8.24
N PHE C 313 -20.42 0.53 8.40
CA PHE C 313 -20.37 1.21 9.69
C PHE C 313 -21.08 0.38 10.75
N LYS C 314 -22.21 -0.22 10.41
CA LYS C 314 -22.91 -1.06 11.38
C LYS C 314 -22.06 -2.26 11.79
N GLU C 315 -21.41 -2.90 10.81
CA GLU C 315 -20.56 -4.04 11.16
C GLU C 315 -19.41 -3.61 12.05
N THR C 316 -18.77 -2.50 11.74
CA THR C 316 -17.67 -2.01 12.58
C THR C 316 -18.16 -1.69 13.99
N TYR C 317 -19.30 -1.00 14.10
CA TYR C 317 -19.84 -0.66 15.41
C TYR C 317 -20.13 -1.91 16.22
N LEU C 318 -20.76 -2.91 15.61
CA LEU C 318 -21.07 -4.13 16.33
C LEU C 318 -19.79 -4.87 16.73
N LEU C 319 -18.78 -4.85 15.86
CA LEU C 319 -17.51 -5.50 16.19
C LEU C 319 -16.87 -4.86 17.40
N ILE C 320 -16.91 -3.54 17.48
CA ILE C 320 -16.32 -2.82 18.61
C ILE C 320 -17.26 -2.81 19.80
N THR D 83 16.30 15.72 14.12
CA THR D 83 17.66 16.04 13.62
C THR D 83 17.95 15.29 12.33
N LEU D 84 17.93 16.01 11.21
CA LEU D 84 18.15 15.43 9.89
C LEU D 84 19.40 16.03 9.26
N SER D 85 20.10 15.23 8.47
CA SER D 85 21.28 15.68 7.75
C SER D 85 20.88 16.21 6.37
N ALA D 86 21.86 16.81 5.69
CA ALA D 86 21.59 17.37 4.37
C ALA D 86 21.25 16.28 3.35
N GLU D 87 21.53 15.02 3.67
CA GLU D 87 21.23 13.91 2.78
C GLU D 87 19.89 13.25 3.10
N ASP D 88 19.61 13.02 4.39
CA ASP D 88 18.35 12.40 4.77
C ASP D 88 17.16 13.23 4.31
N LYS D 89 17.33 14.55 4.23
CA LYS D 89 16.26 15.39 3.72
C LYS D 89 15.97 15.11 2.25
N ALA D 90 17.01 14.86 1.45
CA ALA D 90 16.79 14.47 0.07
C ALA D 90 16.17 13.08 -0.03
N ALA D 91 16.51 12.18 0.89
CA ALA D 91 15.84 10.89 0.93
C ALA D 91 14.36 11.06 1.20
N VAL D 92 14.02 11.95 2.15
CA VAL D 92 12.62 12.22 2.44
C VAL D 92 11.93 12.83 1.23
N GLU D 93 12.60 13.73 0.51
CA GLU D 93 12.01 14.29 -0.69
C GLU D 93 11.77 13.22 -1.75
N ARG D 94 12.70 12.28 -1.91
CA ARG D 94 12.50 11.16 -2.82
C ARG D 94 11.28 10.34 -2.41
N SER D 95 11.16 10.05 -1.11
CA SER D 95 10.02 9.28 -0.63
C SER D 95 8.71 10.02 -0.89
N LYS D 96 8.69 11.34 -0.67
CA LYS D 96 7.47 12.10 -0.93
C LYS D 96 7.11 12.12 -2.41
N MET D 97 8.12 12.25 -3.28
CA MET D 97 7.85 12.18 -4.71
C MET D 97 7.31 10.81 -5.11
N ILE D 98 7.86 9.74 -4.55
CA ILE D 98 7.37 8.41 -4.85
C ILE D 98 5.94 8.25 -4.33
N ASP D 99 5.64 8.81 -3.17
CA ASP D 99 4.27 8.78 -2.67
C ASP D 99 3.32 9.50 -3.61
N ARG D 100 3.75 10.66 -4.13
CA ARG D 100 2.92 11.38 -5.08
C ARG D 100 2.64 10.53 -6.32
N ASN D 101 3.68 9.86 -6.84
CA ASN D 101 3.51 9.02 -8.00
C ASN D 101 2.58 7.84 -7.70
N LEU D 102 2.74 7.24 -6.52
CA LEU D 102 1.87 6.13 -6.13
C LEU D 102 0.42 6.58 -6.08
N ARG D 103 0.14 7.73 -5.46
CA ARG D 103 -1.23 8.21 -5.38
C ARG D 103 -1.79 8.51 -6.77
N GLU D 104 -1.01 9.18 -7.62
CA GLU D 104 -1.53 9.55 -8.93
C GLU D 104 -1.70 8.34 -9.85
N ASP D 105 -0.98 7.25 -9.61
CA ASP D 105 -1.23 6.04 -10.39
C ASP D 105 -2.36 5.20 -9.82
N GLY D 106 -2.49 5.15 -8.49
CA GLY D 106 -3.60 4.43 -7.89
C GLY D 106 -4.94 5.07 -8.20
N GLU D 107 -4.98 6.41 -8.26
CA GLU D 107 -6.21 7.08 -8.63
C GLU D 107 -6.65 6.66 -10.02
N LYS D 108 -5.69 6.56 -10.96
CA LYS D 108 -6.00 6.01 -12.27
C LYS D 108 -6.45 4.56 -12.19
N ALA D 109 -5.78 3.76 -11.37
CA ALA D 109 -6.10 2.35 -11.24
C ALA D 109 -7.46 2.10 -10.60
N ALA D 110 -8.03 3.09 -9.92
CA ALA D 110 -9.35 2.96 -9.32
C ALA D 110 -10.47 3.42 -10.23
N ARG D 111 -10.15 3.88 -11.45
CA ARG D 111 -11.14 4.29 -12.43
C ARG D 111 -11.36 3.25 -13.52
N GLU D 112 -10.82 2.04 -13.33
CA GLU D 112 -10.85 1.00 -14.35
C GLU D 112 -11.79 -0.12 -13.90
N VAL D 113 -12.65 -0.55 -14.80
CA VAL D 113 -13.64 -1.60 -14.52
C VAL D 113 -12.96 -2.95 -14.73
N LYS D 114 -12.99 -3.78 -13.70
CA LYS D 114 -12.38 -5.10 -13.74
C LYS D 114 -13.48 -6.15 -13.91
N LEU D 115 -13.35 -6.99 -14.93
CA LEU D 115 -14.36 -8.00 -15.25
C LEU D 115 -13.68 -9.35 -15.44
N LEU D 116 -13.85 -10.25 -14.46
CA LEU D 116 -13.37 -11.60 -14.60
C LEU D 116 -14.23 -12.38 -15.57
N LEU D 117 -13.59 -13.08 -16.51
CA LEU D 117 -14.27 -13.83 -17.56
C LEU D 117 -14.10 -15.31 -17.29
N LEU D 118 -15.22 -16.04 -17.27
CA LEU D 118 -15.23 -17.47 -17.00
C LEU D 118 -16.15 -18.16 -17.99
N GLY D 119 -16.00 -19.48 -18.09
CA GLY D 119 -16.80 -20.29 -18.99
C GLY D 119 -16.07 -21.56 -19.36
N ALA D 120 -16.83 -22.54 -19.84
CA ALA D 120 -16.28 -23.82 -20.24
C ALA D 120 -15.70 -23.74 -21.65
N GLY D 121 -15.05 -24.81 -22.07
CA GLY D 121 -14.46 -24.83 -23.39
C GLY D 121 -15.50 -24.70 -24.49
N GLU D 122 -15.16 -23.92 -25.52
CA GLU D 122 -16.05 -23.68 -26.66
C GLU D 122 -17.37 -23.09 -26.21
N SER D 123 -17.36 -22.33 -25.12
CA SER D 123 -18.55 -21.66 -24.60
C SER D 123 -18.64 -20.21 -25.07
N GLY D 124 -17.95 -19.86 -26.15
CA GLY D 124 -17.93 -18.50 -26.63
C GLY D 124 -16.96 -17.59 -25.92
N LYS D 125 -16.19 -18.10 -24.95
CA LYS D 125 -15.21 -17.27 -24.25
C LYS D 125 -14.26 -16.62 -25.24
N SER D 126 -13.65 -17.42 -26.12
CA SER D 126 -12.81 -16.86 -27.18
C SER D 126 -13.64 -15.99 -28.11
N THR D 127 -14.83 -16.45 -28.49
CA THR D 127 -15.69 -15.66 -29.36
C THR D 127 -16.11 -14.36 -28.68
N ILE D 128 -16.37 -14.40 -27.37
CA ILE D 128 -16.76 -13.20 -26.66
C ILE D 128 -15.60 -12.20 -26.62
N VAL D 129 -14.41 -12.68 -26.23
CA VAL D 129 -13.27 -11.76 -26.14
C VAL D 129 -12.96 -11.16 -27.51
N LYS D 130 -13.12 -11.95 -28.57
CA LYS D 130 -12.98 -11.39 -29.92
C LYS D 130 -14.06 -10.35 -30.20
N GLN D 131 -15.30 -10.64 -29.82
CA GLN D 131 -16.41 -9.74 -30.12
C GLN D 131 -16.33 -8.47 -29.29
N MET D 132 -16.09 -8.61 -27.99
CA MET D 132 -16.10 -7.46 -27.10
C MET D 132 -15.03 -6.45 -27.52
N LYS D 133 -15.38 -5.17 -27.44
CA LYS D 133 -14.51 -4.10 -27.90
C LYS D 133 -13.10 -4.24 -27.32
N GLY D 262 -0.57 -18.65 -19.25
CA GLY D 262 -0.96 -17.92 -18.06
C GLY D 262 -2.12 -16.98 -18.30
N ILE D 263 -2.42 -16.15 -17.31
CA ILE D 263 -3.53 -15.21 -17.41
C ILE D 263 -3.37 -14.34 -18.64
N VAL D 264 -4.49 -13.94 -19.22
CA VAL D 264 -4.51 -13.08 -20.40
C VAL D 264 -5.38 -11.87 -20.09
N GLU D 265 -4.93 -10.69 -20.49
CA GLU D 265 -5.64 -9.44 -20.24
C GLU D 265 -6.05 -8.81 -21.56
N THR D 266 -7.26 -8.28 -21.61
CA THR D 266 -7.77 -7.55 -22.77
C THR D 266 -8.30 -6.19 -22.29
N HIS D 267 -7.73 -5.12 -22.83
CA HIS D 267 -8.09 -3.77 -22.44
C HIS D 267 -8.86 -3.10 -23.56
N PHE D 268 -9.97 -2.45 -23.21
CA PHE D 268 -10.76 -1.69 -24.17
C PHE D 268 -11.46 -0.55 -23.45
N THR D 269 -11.82 0.48 -24.20
CA THR D 269 -12.53 1.63 -23.68
C THR D 269 -13.85 1.79 -24.40
N PHE D 270 -14.94 1.90 -23.63
CA PHE D 270 -16.28 2.05 -24.18
C PHE D 270 -17.03 3.09 -23.39
N LYS D 271 -17.54 4.12 -24.07
CA LYS D 271 -18.32 5.18 -23.43
C LYS D 271 -17.57 5.78 -22.25
N ASP D 272 -16.27 5.99 -22.43
CA ASP D 272 -15.38 6.65 -21.48
C ASP D 272 -15.09 5.80 -20.26
N LEU D 273 -15.27 4.49 -20.32
CA LEU D 273 -14.90 3.58 -19.23
C LEU D 273 -13.76 2.69 -19.69
N HIS D 274 -12.76 2.53 -18.83
CA HIS D 274 -11.62 1.66 -19.10
C HIS D 274 -11.91 0.28 -18.51
N PHE D 275 -12.07 -0.71 -19.38
CA PHE D 275 -12.43 -2.07 -18.99
C PHE D 275 -11.19 -2.95 -19.03
N LYS D 276 -11.04 -3.79 -18.01
CA LYS D 276 -10.02 -4.83 -17.98
C LYS D 276 -10.72 -6.18 -17.85
N MET D 277 -10.69 -6.98 -18.91
CA MET D 277 -11.28 -8.31 -18.92
C MET D 277 -10.17 -9.33 -18.79
N PHE D 278 -10.22 -10.13 -17.73
CA PHE D 278 -9.17 -11.10 -17.41
C PHE D 278 -9.65 -12.50 -17.76
N ASP D 279 -8.99 -13.13 -18.72
CA ASP D 279 -9.27 -14.50 -19.10
C ASP D 279 -8.25 -15.41 -18.41
N VAL D 280 -8.74 -16.36 -17.62
CA VAL D 280 -7.87 -17.24 -16.85
C VAL D 280 -8.08 -18.68 -17.31
N GLY D 281 -8.44 -18.85 -18.59
CA GLY D 281 -8.61 -20.18 -19.13
C GLY D 281 -7.32 -20.94 -19.35
N GLY D 282 -6.18 -20.24 -19.33
CA GLY D 282 -4.91 -20.91 -19.51
C GLY D 282 -4.58 -21.87 -18.38
N GLN D 283 -4.89 -21.47 -17.15
CA GLN D 283 -4.62 -22.31 -15.98
C GLN D 283 -5.32 -23.65 -16.12
N ARG D 284 -4.55 -24.73 -16.25
CA ARG D 284 -5.09 -26.07 -16.44
C ARG D 284 -5.36 -26.80 -15.12
N SER D 285 -5.10 -26.15 -13.99
CA SER D 285 -5.35 -26.75 -12.68
C SER D 285 -6.70 -26.28 -12.17
N GLU D 286 -7.54 -27.21 -11.73
CA GLU D 286 -8.84 -26.89 -11.15
C GLU D 286 -8.75 -26.89 -9.63
N ARG D 287 -7.98 -25.95 -9.09
CA ARG D 287 -7.75 -25.87 -7.65
C ARG D 287 -8.03 -24.49 -7.07
N LYS D 288 -8.68 -23.61 -7.84
CA LYS D 288 -9.17 -22.31 -7.35
C LYS D 288 -8.19 -21.61 -6.41
N LYS D 289 -6.90 -21.61 -6.73
CA LYS D 289 -5.90 -20.96 -5.91
C LYS D 289 -5.61 -19.52 -6.34
N TRP D 290 -6.34 -18.98 -7.32
CA TRP D 290 -6.13 -17.59 -7.74
C TRP D 290 -7.42 -16.80 -7.88
N ILE D 291 -8.59 -17.44 -7.80
CA ILE D 291 -9.84 -16.69 -7.94
C ILE D 291 -9.97 -15.65 -6.84
N HIS D 292 -9.54 -15.99 -5.63
CA HIS D 292 -9.62 -15.02 -4.53
C HIS D 292 -8.83 -13.76 -4.83
N CYS D 293 -7.84 -13.83 -5.71
CA CYS D 293 -7.15 -12.63 -6.17
C CYS D 293 -8.05 -11.73 -6.99
N PHE D 294 -9.21 -12.23 -7.43
CA PHE D 294 -10.11 -11.48 -8.29
C PHE D 294 -11.24 -10.81 -7.52
N GLU D 295 -11.08 -10.64 -6.21
CA GLU D 295 -12.02 -9.81 -5.47
C GLU D 295 -12.06 -8.41 -6.06
N GLY D 296 -13.13 -7.68 -5.73
CA GLY D 296 -13.28 -6.32 -6.14
C GLY D 296 -13.58 -6.11 -7.61
N VAL D 297 -13.47 -7.14 -8.45
CA VAL D 297 -13.85 -7.00 -9.84
C VAL D 297 -15.30 -6.56 -9.92
N THR D 298 -15.57 -5.61 -10.82
CA THR D 298 -16.91 -5.04 -10.91
C THR D 298 -17.97 -6.14 -11.08
N ALA D 299 -17.64 -7.18 -11.84
CA ALA D 299 -18.58 -8.25 -12.10
C ALA D 299 -17.82 -9.47 -12.59
N ILE D 300 -18.58 -10.44 -13.10
CA ILE D 300 -18.04 -11.62 -13.77
C ILE D 300 -18.80 -11.76 -15.08
N ILE D 301 -18.18 -12.41 -16.06
CA ILE D 301 -18.85 -12.74 -17.31
C ILE D 301 -18.73 -14.26 -17.48
N PHE D 302 -19.80 -14.98 -17.15
CA PHE D 302 -19.87 -16.42 -17.32
C PHE D 302 -20.64 -16.72 -18.59
N CYS D 303 -20.08 -17.58 -19.44
CA CYS D 303 -20.62 -17.84 -20.77
C CYS D 303 -21.00 -19.30 -20.88
N VAL D 304 -22.08 -19.56 -21.63
CA VAL D 304 -22.58 -20.91 -21.88
C VAL D 304 -23.17 -20.94 -23.28
N ALA D 305 -23.18 -22.13 -23.87
CA ALA D 305 -23.69 -22.35 -25.22
C ALA D 305 -24.87 -23.30 -25.15
N LEU D 306 -25.93 -22.97 -25.90
CA LEU D 306 -27.11 -23.84 -25.95
C LEU D 306 -26.77 -25.23 -26.48
N SER D 307 -25.92 -25.31 -27.51
CA SER D 307 -25.54 -26.60 -28.08
C SER D 307 -24.96 -27.52 -27.00
N ASN D 320 -23.00 -34.20 -21.69
CA ASN D 320 -23.86 -33.22 -21.03
C ASN D 320 -23.10 -31.94 -20.73
N ARG D 321 -22.85 -31.15 -21.78
CA ARG D 321 -22.12 -29.89 -21.61
C ARG D 321 -22.92 -28.91 -20.74
N MET D 322 -24.25 -28.88 -20.93
CA MET D 322 -25.08 -27.95 -20.18
C MET D 322 -24.97 -28.19 -18.68
N HIS D 323 -24.95 -29.46 -18.26
CA HIS D 323 -24.84 -29.74 -16.84
C HIS D 323 -23.49 -29.29 -16.28
N GLU D 324 -22.41 -29.46 -17.04
CA GLU D 324 -21.12 -28.95 -16.60
C GLU D 324 -21.14 -27.43 -16.46
N SER D 325 -21.74 -26.74 -17.44
CA SER D 325 -21.84 -25.30 -17.35
C SER D 325 -22.65 -24.86 -16.13
N MET D 326 -23.75 -25.56 -15.86
CA MET D 326 -24.55 -25.25 -14.68
C MET D 326 -23.76 -25.47 -13.39
N LYS D 327 -22.99 -26.56 -13.34
CA LYS D 327 -22.17 -26.81 -12.15
C LYS D 327 -21.16 -25.69 -11.94
N LEU D 328 -20.50 -25.26 -13.03
CA LEU D 328 -19.54 -24.17 -12.89
C LEU D 328 -20.22 -22.87 -12.48
N PHE D 329 -21.40 -22.58 -13.04
CA PHE D 329 -22.12 -21.38 -12.65
C PHE D 329 -22.49 -21.40 -11.17
N ASP D 330 -22.96 -22.54 -10.68
CA ASP D 330 -23.25 -22.68 -9.27
C ASP D 330 -21.99 -22.48 -8.43
N SER D 331 -20.87 -23.02 -8.90
CA SER D 331 -19.60 -22.85 -8.17
C SER D 331 -19.23 -21.39 -8.06
N ILE D 332 -19.33 -20.63 -9.17
CA ILE D 332 -18.92 -19.23 -9.13
C ILE D 332 -19.88 -18.43 -8.25
N CYS D 333 -21.18 -18.74 -8.31
CA CYS D 333 -22.13 -18.00 -7.49
C CYS D 333 -21.95 -18.29 -6.01
N ASN D 334 -21.61 -19.52 -5.65
CA ASN D 334 -21.59 -19.94 -4.25
C ASN D 334 -20.29 -19.57 -3.53
N ASN D 335 -19.32 -18.99 -4.23
CA ASN D 335 -18.05 -18.66 -3.58
C ASN D 335 -18.24 -17.60 -2.50
N LYS D 336 -17.39 -17.66 -1.48
CA LYS D 336 -17.32 -16.61 -0.48
C LYS D 336 -16.65 -15.35 -1.03
N TRP D 337 -15.99 -15.45 -2.18
CA TRP D 337 -15.26 -14.35 -2.77
C TRP D 337 -16.11 -13.50 -3.71
N PHE D 338 -17.26 -14.00 -4.16
CA PHE D 338 -18.06 -13.31 -5.16
C PHE D 338 -19.49 -13.11 -4.67
N THR D 339 -19.66 -12.92 -3.36
CA THR D 339 -20.99 -12.66 -2.82
C THR D 339 -21.53 -11.31 -3.23
N ASP D 340 -20.67 -10.29 -3.29
CA ASP D 340 -21.09 -8.92 -3.57
C ASP D 340 -20.98 -8.55 -5.05
N THR D 341 -20.53 -9.46 -5.90
CA THR D 341 -20.23 -9.16 -7.30
C THR D 341 -21.32 -9.75 -8.18
N SER D 342 -21.96 -8.89 -8.99
CA SER D 342 -22.90 -9.36 -9.97
C SER D 342 -22.23 -10.35 -10.92
N ILE D 343 -23.06 -11.12 -11.62
CA ILE D 343 -22.60 -12.10 -12.60
C ILE D 343 -23.40 -11.89 -13.87
N ILE D 344 -22.73 -11.94 -15.01
CA ILE D 344 -23.35 -11.65 -16.30
C ILE D 344 -23.32 -12.92 -17.13
N LEU D 345 -24.41 -13.67 -17.10
CA LEU D 345 -24.57 -14.85 -17.95
C LEU D 345 -24.89 -14.41 -19.37
N PHE D 346 -24.21 -15.04 -20.33
CA PHE D 346 -24.36 -14.71 -21.75
C PHE D 346 -24.86 -15.90 -22.53
N LEU D 347 -25.84 -15.65 -23.39
CA LEU D 347 -26.20 -16.55 -24.48
C LEU D 347 -26.28 -15.68 -25.74
N ASN D 348 -25.11 -15.44 -26.35
CA ASN D 348 -25.00 -14.42 -27.38
C ASN D 348 -25.43 -14.94 -28.74
N LYS D 349 -24.82 -16.03 -29.20
CA LYS D 349 -25.12 -16.55 -30.52
C LYS D 349 -26.58 -16.97 -30.62
N LYS D 350 -27.21 -16.62 -31.75
CA LYS D 350 -28.61 -16.97 -31.98
C LYS D 350 -28.83 -17.46 -33.41
N ASP D 351 -27.77 -17.81 -34.14
CA ASP D 351 -27.88 -18.30 -35.51
C ASP D 351 -27.84 -19.82 -35.59
N LEU D 352 -27.27 -20.50 -34.59
CA LEU D 352 -27.26 -21.95 -34.53
C LEU D 352 -28.04 -22.48 -33.33
N PHE D 353 -28.69 -21.60 -32.57
CA PHE D 353 -29.41 -22.00 -31.37
C PHE D 353 -30.82 -22.49 -31.66
N GLU D 354 -31.28 -22.41 -32.90
CA GLU D 354 -32.63 -22.84 -33.29
C GLU D 354 -32.63 -24.02 -34.25
N GLU D 355 -31.58 -24.16 -35.06
CA GLU D 355 -31.55 -25.22 -36.06
C GLU D 355 -31.54 -26.61 -35.44
N LYS D 356 -30.89 -26.78 -34.29
CA LYS D 356 -30.70 -28.09 -33.70
C LYS D 356 -31.78 -28.46 -32.69
N ILE D 357 -32.69 -27.54 -32.36
CA ILE D 357 -33.70 -27.83 -31.35
C ILE D 357 -34.63 -28.95 -31.79
N LYS D 358 -34.82 -29.13 -33.10
CA LYS D 358 -35.83 -30.07 -33.59
C LYS D 358 -35.38 -31.53 -33.55
N LYS D 359 -34.08 -31.79 -33.38
CA LYS D 359 -33.62 -33.17 -33.37
C LYS D 359 -34.19 -33.92 -32.16
N SER D 360 -34.26 -33.26 -31.02
CA SER D 360 -34.82 -33.86 -29.82
C SER D 360 -35.11 -32.75 -28.81
N PRO D 361 -36.18 -32.87 -28.01
CA PRO D 361 -36.47 -31.84 -27.02
C PRO D 361 -35.40 -31.78 -25.94
N LEU D 362 -35.60 -30.92 -24.93
CA LEU D 362 -34.70 -30.84 -23.79
C LEU D 362 -34.95 -32.01 -22.84
N THR D 363 -34.75 -33.22 -23.38
CA THR D 363 -34.98 -34.43 -22.62
C THR D 363 -33.87 -35.46 -22.83
N ILE D 364 -32.81 -35.13 -23.57
CA ILE D 364 -31.70 -36.06 -23.73
C ILE D 364 -31.10 -36.39 -22.38
N CYS D 365 -31.00 -35.40 -21.49
CA CYS D 365 -30.54 -35.62 -20.12
C CYS D 365 -31.36 -34.82 -19.11
N TYR D 366 -32.50 -34.26 -19.52
CA TYR D 366 -33.33 -33.43 -18.64
C TYR D 366 -34.77 -33.90 -18.74
N PRO D 367 -35.12 -35.00 -18.05
CA PRO D 367 -36.48 -35.54 -18.17
C PRO D 367 -37.57 -34.56 -17.71
N GLU D 368 -37.26 -33.66 -16.78
CA GLU D 368 -38.29 -32.86 -16.15
C GLU D 368 -39.04 -31.98 -17.16
N TYR D 369 -38.32 -31.35 -18.08
CA TYR D 369 -38.94 -30.38 -18.98
C TYR D 369 -40.06 -31.03 -19.77
N ALA D 370 -41.22 -30.37 -19.80
CA ALA D 370 -42.37 -30.83 -20.56
C ALA D 370 -43.07 -29.66 -21.24
N GLY D 371 -42.29 -28.64 -21.62
CA GLY D 371 -42.83 -27.46 -22.26
C GLY D 371 -42.85 -27.59 -23.78
N SER D 372 -43.37 -26.54 -24.42
CA SER D 372 -43.45 -26.52 -25.87
C SER D 372 -42.06 -26.65 -26.48
N ASN D 373 -41.97 -27.45 -27.54
CA ASN D 373 -40.70 -27.66 -28.22
C ASN D 373 -40.43 -26.54 -29.21
N THR D 374 -40.47 -25.30 -28.74
CA THR D 374 -40.16 -24.13 -29.55
C THR D 374 -38.94 -23.41 -28.98
N TYR D 375 -38.34 -22.56 -29.81
CA TYR D 375 -37.10 -21.90 -29.42
C TYR D 375 -37.30 -21.04 -28.17
N GLU D 376 -38.30 -20.16 -28.19
CA GLU D 376 -38.47 -19.22 -27.08
C GLU D 376 -38.73 -19.96 -25.78
N GLU D 377 -39.63 -20.95 -25.81
CA GLU D 377 -40.01 -21.64 -24.59
C GLU D 377 -38.81 -22.38 -23.98
N ALA D 378 -38.12 -23.18 -24.78
CA ALA D 378 -36.99 -23.96 -24.26
C ALA D 378 -35.86 -23.06 -23.79
N ALA D 379 -35.55 -22.01 -24.56
CA ALA D 379 -34.49 -21.09 -24.16
C ALA D 379 -34.85 -20.40 -22.86
N ALA D 380 -36.10 -19.95 -22.72
CA ALA D 380 -36.50 -19.31 -21.48
C ALA D 380 -36.46 -20.29 -20.31
N TYR D 381 -36.82 -21.55 -20.55
CA TYR D 381 -36.73 -22.54 -19.48
C TYR D 381 -35.28 -22.74 -19.03
N ILE D 382 -34.35 -22.83 -19.99
CA ILE D 382 -32.95 -23.00 -19.62
C ILE D 382 -32.46 -21.78 -18.87
N GLN D 383 -32.87 -20.60 -19.33
CA GLN D 383 -32.48 -19.34 -18.70
C GLN D 383 -32.99 -19.26 -17.25
N CYS D 384 -34.25 -19.64 -17.03
CA CYS D 384 -34.80 -19.62 -15.69
C CYS D 384 -34.13 -20.66 -14.80
N GLN D 385 -33.82 -21.84 -15.36
CA GLN D 385 -33.09 -22.83 -14.57
C GLN D 385 -31.73 -22.32 -14.16
N PHE D 386 -31.03 -21.62 -15.06
CA PHE D 386 -29.77 -20.99 -14.66
C PHE D 386 -29.98 -19.94 -13.58
N GLU D 387 -31.00 -19.11 -13.71
CA GLU D 387 -31.25 -18.07 -12.71
C GLU D 387 -31.54 -18.67 -11.36
N ASP D 388 -32.27 -19.78 -11.31
CA ASP D 388 -32.65 -20.39 -10.04
C ASP D 388 -31.44 -20.84 -9.23
N LEU D 389 -30.28 -20.99 -9.87
CA LEU D 389 -29.08 -21.44 -9.16
C LEU D 389 -28.58 -20.42 -8.14
N ASN D 390 -28.98 -19.16 -8.24
CA ASN D 390 -28.55 -18.14 -7.31
C ASN D 390 -29.07 -18.45 -5.91
N LYS D 391 -28.19 -18.85 -5.00
CA LYS D 391 -28.59 -19.26 -3.66
C LYS D 391 -28.88 -18.09 -2.73
N ARG D 392 -28.48 -16.87 -3.10
CA ARG D 392 -28.80 -15.67 -2.33
C ARG D 392 -29.03 -14.54 -3.31
N LYS D 393 -30.30 -14.22 -3.57
CA LYS D 393 -30.67 -13.16 -4.50
C LYS D 393 -30.65 -11.78 -3.84
N ASP D 394 -30.43 -11.71 -2.52
CA ASP D 394 -30.50 -10.42 -1.83
C ASP D 394 -29.38 -9.48 -2.24
N THR D 395 -28.16 -10.00 -2.40
CA THR D 395 -27.01 -9.14 -2.65
C THR D 395 -26.73 -8.93 -4.14
N LYS D 396 -26.50 -10.00 -4.88
CA LYS D 396 -26.12 -9.93 -6.28
C LYS D 396 -27.34 -10.08 -7.18
N GLU D 397 -27.12 -9.87 -8.46
CA GLU D 397 -28.13 -10.06 -9.48
C GLU D 397 -27.46 -10.62 -10.74
N ILE D 398 -28.19 -11.49 -11.43
CA ILE D 398 -27.72 -12.12 -12.65
C ILE D 398 -28.28 -11.34 -13.84
N TYR D 399 -27.41 -10.88 -14.72
CA TYR D 399 -27.79 -10.14 -15.91
C TYR D 399 -27.61 -11.03 -17.15
N THR D 400 -28.71 -11.28 -17.85
CA THR D 400 -28.79 -12.26 -18.92
C THR D 400 -28.91 -11.57 -20.27
N HIS D 401 -28.47 -12.26 -21.32
CA HIS D 401 -28.53 -11.77 -22.69
C HIS D 401 -28.80 -12.92 -23.64
N PHE D 402 -29.70 -12.68 -24.61
CA PHE D 402 -30.02 -13.67 -25.63
C PHE D 402 -29.90 -13.14 -27.06
N THR D 403 -29.77 -11.82 -27.22
CA THR D 403 -29.73 -11.26 -28.57
C THR D 403 -28.52 -11.79 -29.34
N CYS D 404 -28.68 -11.92 -30.65
CA CYS D 404 -27.67 -12.54 -31.49
C CYS D 404 -26.30 -11.91 -31.25
N ALA D 405 -25.26 -12.72 -31.44
CA ALA D 405 -23.89 -12.24 -31.24
C ALA D 405 -23.41 -11.43 -32.43
N THR D 406 -24.03 -11.59 -33.60
CA THR D 406 -23.56 -10.91 -34.79
C THR D 406 -23.61 -9.39 -34.63
N ASP D 407 -24.72 -8.87 -34.10
CA ASP D 407 -24.84 -7.44 -33.89
C ASP D 407 -24.00 -7.02 -32.69
N THR D 408 -23.64 -5.73 -32.66
CA THR D 408 -22.81 -5.17 -31.60
C THR D 408 -23.67 -4.72 -30.42
N LYS D 409 -24.40 -5.69 -29.85
CA LYS D 409 -25.15 -5.48 -28.63
C LYS D 409 -24.50 -6.10 -27.40
N ASN D 410 -23.60 -7.06 -27.58
CA ASN D 410 -22.94 -7.67 -26.43
C ASN D 410 -22.09 -6.66 -25.68
N VAL D 411 -21.50 -5.70 -26.40
CA VAL D 411 -20.72 -4.65 -25.73
C VAL D 411 -21.64 -3.74 -24.93
N GLN D 412 -22.77 -3.34 -25.53
CA GLN D 412 -23.68 -2.43 -24.84
C GLN D 412 -24.25 -3.06 -23.58
N PHE D 413 -24.57 -4.36 -23.62
CA PHE D 413 -25.18 -5.00 -22.47
C PHE D 413 -24.25 -5.00 -21.27
N VAL D 414 -22.99 -5.35 -21.46
CA VAL D 414 -22.07 -5.35 -20.32
C VAL D 414 -21.92 -3.95 -19.78
N PHE D 415 -21.94 -2.93 -20.64
CA PHE D 415 -21.84 -1.55 -20.19
C PHE D 415 -23.02 -1.17 -19.31
N ASP D 416 -24.22 -1.57 -19.69
CA ASP D 416 -25.39 -1.30 -18.85
C ASP D 416 -25.31 -2.05 -17.53
N ALA D 417 -24.86 -3.30 -17.58
CA ALA D 417 -24.74 -4.09 -16.36
C ALA D 417 -23.72 -3.49 -15.41
N VAL D 418 -22.54 -3.12 -15.93
CA VAL D 418 -21.53 -2.55 -15.06
C VAL D 418 -21.99 -1.20 -14.54
N THR D 419 -22.69 -0.42 -15.37
CA THR D 419 -23.22 0.86 -14.92
C THR D 419 -24.17 0.67 -13.74
N ASP D 420 -25.09 -0.29 -13.88
CA ASP D 420 -26.03 -0.56 -12.80
C ASP D 420 -25.31 -1.05 -11.54
N VAL D 421 -24.30 -1.92 -11.71
CA VAL D 421 -23.55 -2.40 -10.56
C VAL D 421 -22.80 -1.26 -9.89
N ILE D 422 -22.25 -0.34 -10.68
CA ILE D 422 -21.53 0.80 -10.13
C ILE D 422 -22.47 1.69 -9.33
N ILE D 423 -23.66 1.95 -9.89
CA ILE D 423 -24.62 2.80 -9.20
C ILE D 423 -25.06 2.14 -7.89
N LYS D 424 -25.32 0.83 -7.92
CA LYS D 424 -25.70 0.13 -6.71
C LYS D 424 -24.59 0.10 -5.68
N ASN D 425 -23.33 -0.07 -6.11
CA ASN D 425 -22.22 -0.01 -5.18
C ASN D 425 -22.10 1.36 -4.54
N ASN D 426 -22.24 2.41 -5.35
CA ASN D 426 -22.20 3.77 -4.81
C ASN D 426 -23.31 3.97 -3.78
N LEU D 427 -24.54 3.59 -4.12
CA LEU D 427 -25.66 3.78 -3.21
C LEU D 427 -25.47 2.99 -1.92
N LYS D 428 -25.00 1.74 -2.03
CA LYS D 428 -24.83 0.92 -0.84
C LYS D 428 -23.73 1.48 0.07
N ASP D 429 -22.88 2.36 -0.46
CA ASP D 429 -21.86 2.99 0.37
C ASP D 429 -22.47 4.07 1.25
N CYS D 430 -23.43 4.81 0.73
CA CYS D 430 -24.10 5.84 1.53
C CYS D 430 -25.02 5.22 2.58
N GLY D 431 -25.65 4.09 2.24
CA GLY D 431 -26.64 3.47 3.09
C GLY D 431 -28.00 3.47 2.44
N LEU D 432 -28.12 4.17 1.30
CA LEU D 432 -29.40 4.25 0.61
C LEU D 432 -29.91 2.86 0.21
N PHE D 433 -29.02 1.89 0.09
CA PHE D 433 -29.39 0.56 -0.38
C PHE D 433 -29.47 -0.42 0.79
N VAL E 2 26.47 7.39 -19.21
CA VAL E 2 26.48 8.59 -18.32
C VAL E 2 27.42 9.64 -18.91
N GLN E 3 26.86 10.78 -19.28
CA GLN E 3 27.61 11.84 -19.93
C GLN E 3 27.05 13.19 -19.49
N LEU E 4 27.84 13.94 -18.73
CA LEU E 4 27.48 15.28 -18.28
C LEU E 4 28.37 16.28 -19.01
N VAL E 5 27.77 17.05 -19.92
CA VAL E 5 28.51 18.00 -20.76
C VAL E 5 27.91 19.38 -20.55
N GLU E 6 28.77 20.33 -20.18
CA GLU E 6 28.36 21.72 -19.98
C GLU E 6 28.73 22.56 -21.19
N SER E 7 28.33 23.82 -21.13
CA SER E 7 28.65 24.80 -22.18
C SER E 7 28.22 26.17 -21.69
N GLY E 8 28.48 27.17 -22.52
CA GLY E 8 28.09 28.53 -22.21
C GLY E 8 29.16 29.40 -21.58
N GLY E 9 30.40 28.91 -21.49
CA GLY E 9 31.46 29.69 -20.91
C GLY E 9 32.11 30.64 -21.89
N GLY E 10 33.15 31.31 -21.43
CA GLY E 10 33.89 32.25 -22.25
C GLY E 10 34.41 33.40 -21.41
N LEU E 11 34.43 34.58 -22.01
CA LEU E 11 34.91 35.80 -21.37
C LEU E 11 33.72 36.73 -21.11
N VAL E 12 33.77 37.43 -19.98
CA VAL E 12 32.71 38.34 -19.57
C VAL E 12 33.31 39.46 -18.73
N GLN E 13 32.85 40.68 -18.96
CA GLN E 13 33.32 41.82 -18.18
C GLN E 13 32.59 41.88 -16.84
N PRO E 14 33.18 42.55 -15.85
CA PRO E 14 32.49 42.70 -14.57
C PRO E 14 31.16 43.42 -14.75
N GLY E 15 30.17 42.97 -13.99
CA GLY E 15 28.83 43.53 -14.08
C GLY E 15 27.98 43.01 -15.21
N GLY E 16 28.43 41.97 -15.92
CA GLY E 16 27.67 41.37 -16.99
C GLY E 16 26.90 40.16 -16.53
N SER E 17 26.12 39.59 -17.46
CA SER E 17 25.28 38.45 -17.19
C SER E 17 25.39 37.43 -18.32
N ARG E 18 25.43 36.15 -17.94
CA ARG E 18 25.44 35.04 -18.88
C ARG E 18 24.64 33.90 -18.27
N LYS E 19 24.52 32.81 -19.03
CA LYS E 19 23.78 31.63 -18.58
C LYS E 19 24.59 30.38 -18.89
N LEU E 20 25.02 29.67 -17.86
CA LEU E 20 25.62 28.36 -18.03
C LEU E 20 24.52 27.33 -18.27
N SER E 21 24.87 26.28 -19.02
CA SER E 21 23.95 25.19 -19.29
C SER E 21 24.68 23.87 -19.15
N CYS E 22 23.96 22.85 -18.67
CA CYS E 22 24.51 21.51 -18.49
C CYS E 22 23.52 20.52 -19.10
N SER E 23 23.96 19.79 -20.11
CA SER E 23 23.13 18.79 -20.76
C SER E 23 23.52 17.40 -20.27
N ALA E 24 22.60 16.73 -19.59
CA ALA E 24 22.80 15.40 -19.08
C ALA E 24 22.09 14.39 -19.97
N SER E 25 22.76 13.26 -20.22
CA SER E 25 22.19 12.22 -21.08
C SER E 25 22.89 10.92 -20.76
N GLY E 26 22.11 9.86 -20.52
CA GLY E 26 22.66 8.56 -20.23
C GLY E 26 22.15 7.98 -18.92
N PHE E 27 21.27 8.70 -18.25
CA PHE E 27 20.70 8.24 -16.99
C PHE E 27 19.37 8.95 -16.76
N ALA E 28 18.68 8.54 -15.70
CA ALA E 28 17.38 9.10 -15.35
C ALA E 28 17.59 10.47 -14.69
N PHE E 29 17.70 11.48 -15.54
CA PHE E 29 17.98 12.84 -15.06
C PHE E 29 16.92 13.30 -14.07
N SER E 30 15.66 12.93 -14.31
CA SER E 30 14.57 13.42 -13.47
C SER E 30 14.69 12.96 -12.02
N SER E 31 15.31 11.81 -11.78
CA SER E 31 15.46 11.28 -10.43
C SER E 31 16.77 11.70 -9.79
N PHE E 32 17.58 12.52 -10.46
CA PHE E 32 18.89 12.91 -9.98
C PHE E 32 18.91 14.39 -9.62
N GLY E 33 19.42 14.70 -8.43
CA GLY E 33 19.66 16.07 -8.06
C GLY E 33 21.00 16.57 -8.54
N MET E 34 21.05 17.86 -8.88
CA MET E 34 22.22 18.46 -9.49
C MET E 34 22.92 19.38 -8.51
N HIS E 35 24.24 19.27 -8.45
CA HIS E 35 25.09 20.24 -7.76
C HIS E 35 25.80 21.09 -8.81
N TRP E 36 26.33 22.23 -8.37
CA TRP E 36 27.22 23.05 -9.16
C TRP E 36 28.47 23.30 -8.33
N VAL E 37 29.64 23.08 -8.95
CA VAL E 37 30.92 23.31 -8.29
C VAL E 37 31.78 24.14 -9.21
N ARG E 38 32.69 24.91 -8.60
CA ARG E 38 33.60 25.76 -9.36
C ARG E 38 35.01 25.62 -8.81
N GLN E 39 35.98 25.84 -9.68
CA GLN E 39 37.40 25.73 -9.34
C GLN E 39 38.12 26.93 -9.92
N ALA E 40 38.79 27.69 -9.06
CA ALA E 40 39.56 28.83 -9.51
C ALA E 40 40.92 28.39 -10.06
N PRO E 41 41.52 29.18 -10.96
CA PRO E 41 42.79 28.77 -11.56
C PRO E 41 43.84 28.38 -10.53
N GLU E 42 44.23 27.11 -10.53
CA GLU E 42 45.30 26.59 -9.67
C GLU E 42 45.20 27.12 -8.25
N LYS E 43 43.98 27.13 -7.71
CA LYS E 43 43.75 27.56 -6.34
C LYS E 43 43.00 26.50 -5.54
N GLY E 44 42.06 25.82 -6.17
CA GLY E 44 41.27 24.80 -5.53
C GLY E 44 39.81 24.87 -5.92
N LEU E 45 39.01 24.03 -5.25
CA LEU E 45 37.59 23.90 -5.56
C LEU E 45 36.76 24.74 -4.60
N GLU E 46 35.50 24.96 -4.99
CA GLU E 46 34.57 25.74 -4.17
C GLU E 46 33.15 25.39 -4.61
N TRP E 47 32.34 24.89 -3.67
CA TRP E 47 30.97 24.56 -3.98
C TRP E 47 30.19 25.82 -4.36
N VAL E 48 29.17 25.65 -5.19
CA VAL E 48 28.40 26.77 -5.73
C VAL E 48 26.93 26.69 -5.32
N ALA E 49 26.21 25.66 -5.75
CA ALA E 49 24.77 25.62 -5.56
C ALA E 49 24.31 24.16 -5.53
N TYR E 50 22.99 23.98 -5.53
CA TYR E 50 22.38 22.66 -5.50
C TYR E 50 20.89 22.79 -5.76
N ILE E 51 20.35 21.87 -6.55
CA ILE E 51 18.91 21.75 -6.78
C ILE E 51 18.54 20.29 -6.63
N SER E 52 17.56 20.00 -5.78
CA SER E 52 17.19 18.64 -5.47
C SER E 52 16.25 18.08 -6.53
N SER E 53 15.95 16.79 -6.40
CA SER E 53 15.09 16.12 -7.36
C SER E 53 13.69 16.74 -7.35
N GLY E 54 13.21 17.15 -8.53
CA GLY E 54 11.90 17.74 -8.66
C GLY E 54 11.82 19.22 -8.37
N SER E 55 12.97 19.90 -8.18
CA SER E 55 13.00 21.31 -7.86
C SER E 55 12.35 21.62 -6.51
N GLY E 56 12.41 20.65 -5.59
CA GLY E 56 11.80 20.82 -4.29
C GLY E 56 12.64 21.64 -3.33
N THR E 57 13.96 21.59 -3.49
CA THR E 57 14.89 22.31 -2.63
C THR E 57 15.92 23.00 -3.50
N ILE E 58 16.27 24.23 -3.15
CA ILE E 58 17.31 24.99 -3.83
C ILE E 58 18.16 25.69 -2.77
N TYR E 59 19.46 25.48 -2.82
CA TYR E 59 20.41 26.17 -1.96
C TYR E 59 21.36 26.99 -2.81
N TYR E 60 22.18 27.82 -2.16
CA TYR E 60 23.17 28.63 -2.84
C TYR E 60 24.36 28.84 -1.94
N ALA E 61 25.48 29.23 -2.54
CA ALA E 61 26.70 29.50 -1.79
C ALA E 61 26.61 30.86 -1.13
N ASP E 62 27.12 30.96 0.10
CA ASP E 62 27.10 32.23 0.81
C ASP E 62 27.78 33.33 -0.01
N THR E 63 28.75 32.95 -0.85
CA THR E 63 29.45 33.93 -1.65
C THR E 63 28.53 34.59 -2.67
N VAL E 64 27.59 33.83 -3.24
CA VAL E 64 26.76 34.34 -4.34
C VAL E 64 25.30 34.12 -4.03
N LYS E 65 24.96 33.93 -2.77
CA LYS E 65 23.57 33.67 -2.40
C LYS E 65 22.72 34.90 -2.73
N GLY E 66 21.62 34.68 -3.46
CA GLY E 66 20.77 35.75 -3.92
C GLY E 66 21.20 36.37 -5.23
N ARG E 67 22.43 36.13 -5.67
CA ARG E 67 22.91 36.56 -6.97
C ARG E 67 23.46 35.34 -7.70
N PHE E 68 22.76 34.92 -8.75
CA PHE E 68 22.89 33.62 -9.41
C PHE E 68 21.54 32.93 -9.28
N THR E 69 21.27 31.91 -10.09
CA THR E 69 20.10 31.07 -9.89
C THR E 69 20.34 29.72 -10.54
N ILE E 70 19.72 28.69 -9.95
CA ILE E 70 19.81 27.33 -10.45
C ILE E 70 18.41 26.93 -10.93
N SER E 71 18.33 26.45 -12.17
CA SER E 71 17.07 26.12 -12.80
C SER E 71 17.09 24.69 -13.33
N ARG E 72 15.93 24.05 -13.35
CA ARG E 72 15.77 22.67 -13.78
C ARG E 72 14.76 22.57 -14.92
N ASP E 73 15.03 21.65 -15.84
CA ASP E 73 14.09 21.33 -16.93
C ASP E 73 14.13 19.81 -17.13
N ASP E 74 13.26 19.09 -16.42
CA ASP E 74 13.26 17.63 -16.53
C ASP E 74 12.83 17.16 -17.92
N PRO E 75 11.73 17.67 -18.50
CA PRO E 75 11.32 17.17 -19.81
C PRO E 75 12.40 17.28 -20.87
N LYS E 76 13.26 18.29 -20.81
CA LYS E 76 14.31 18.49 -21.80
C LYS E 76 15.67 17.95 -21.36
N ASN E 77 15.77 17.41 -20.14
CA ASN E 77 17.01 16.85 -19.63
C ASN E 77 18.17 17.84 -19.78
N THR E 78 17.98 19.03 -19.24
CA THR E 78 19.00 20.07 -19.25
C THR E 78 18.98 20.80 -17.92
N LEU E 79 20.12 21.38 -17.55
CA LEU E 79 20.26 22.13 -16.31
C LEU E 79 20.91 23.47 -16.62
N PHE E 80 20.51 24.50 -15.88
CA PHE E 80 20.95 25.86 -16.12
C PHE E 80 21.54 26.46 -14.86
N LEU E 81 22.42 27.45 -15.04
CA LEU E 81 22.90 28.30 -13.94
C LEU E 81 23.06 29.69 -14.53
N GLN E 82 22.11 30.58 -14.23
CA GLN E 82 22.09 31.93 -14.78
C GLN E 82 22.79 32.86 -13.79
N MET E 83 23.79 33.59 -14.28
CA MET E 83 24.64 34.43 -13.44
C MET E 83 24.31 35.89 -13.72
N THR E 84 24.11 36.68 -12.65
CA THR E 84 23.57 38.03 -12.78
C THR E 84 24.66 39.08 -12.88
N SER E 85 25.49 39.20 -11.85
CA SER E 85 26.51 40.23 -11.75
C SER E 85 27.81 39.62 -11.27
N LEU E 86 28.87 39.76 -12.06
CA LEU E 86 30.13 39.04 -11.83
C LEU E 86 31.18 40.01 -11.32
N ARG E 87 31.78 39.69 -10.18
CA ARG E 87 32.97 40.38 -9.71
C ARG E 87 34.21 39.81 -10.38
N SER E 88 35.37 40.40 -10.07
CA SER E 88 36.63 39.89 -10.62
C SER E 88 37.01 38.54 -10.07
N GLU E 89 36.47 38.14 -8.92
CA GLU E 89 36.74 36.85 -8.31
C GLU E 89 35.98 35.71 -8.96
N ASP E 90 35.05 36.01 -9.88
CA ASP E 90 34.15 35.00 -10.44
C ASP E 90 34.78 34.23 -11.59
N THR E 91 36.08 34.41 -11.84
CA THR E 91 36.77 33.60 -12.83
C THR E 91 37.06 32.23 -12.23
N ALA E 92 36.65 31.19 -12.92
CA ALA E 92 36.84 29.82 -12.45
C ALA E 92 36.32 28.88 -13.52
N MET E 93 36.55 27.59 -13.32
CA MET E 93 36.05 26.55 -14.20
C MET E 93 34.90 25.85 -13.48
N TYR E 94 33.70 25.97 -14.02
CA TYR E 94 32.49 25.52 -13.37
C TYR E 94 32.14 24.10 -13.81
N TYR E 95 31.84 23.25 -12.85
CA TYR E 95 31.56 21.83 -13.09
C TYR E 95 30.08 21.55 -12.89
N CYS E 96 29.61 20.48 -13.53
CA CYS E 96 28.25 19.99 -13.39
C CYS E 96 28.31 18.61 -12.75
N VAL E 97 27.66 18.47 -11.59
CA VAL E 97 27.73 17.25 -10.81
C VAL E 97 26.32 16.74 -10.54
N ARG E 98 26.16 15.42 -10.60
CA ARG E 98 24.88 14.77 -10.35
C ARG E 98 24.89 14.15 -8.96
N SER E 99 23.69 13.88 -8.44
CA SER E 99 23.58 13.37 -7.08
C SER E 99 22.18 12.81 -6.87
N ILE E 100 22.10 11.61 -6.31
CA ILE E 100 20.84 11.00 -5.90
C ILE E 100 20.99 10.47 -4.49
N TYR E 101 20.07 10.85 -3.60
CA TYR E 101 20.14 10.51 -2.19
C TYR E 101 19.10 9.46 -1.86
N TYR E 102 19.57 8.25 -1.55
CA TYR E 102 18.75 7.21 -0.96
C TYR E 102 19.70 6.23 -0.28
N TYR E 103 19.19 5.51 0.71
CA TYR E 103 20.05 4.70 1.55
C TYR E 103 20.99 3.85 0.71
N GLY E 104 22.29 3.97 0.97
CA GLY E 104 23.30 3.21 0.28
C GLY E 104 23.81 3.86 -1.00
N SER E 105 23.24 4.97 -1.41
CA SER E 105 23.61 5.60 -2.67
C SER E 105 24.97 6.27 -2.57
N SER E 106 25.60 6.44 -3.73
CA SER E 106 26.83 7.21 -3.85
C SER E 106 26.48 8.58 -4.41
N PRO E 107 26.23 9.60 -3.58
CA PRO E 107 25.60 10.83 -4.05
C PRO E 107 26.47 11.72 -4.92
N PHE E 108 27.74 11.39 -5.15
CA PHE E 108 28.60 12.18 -6.01
C PHE E 108 29.33 11.28 -6.99
N ASP E 109 28.59 10.34 -7.59
CA ASP E 109 29.21 9.32 -8.43
C ASP E 109 29.92 9.93 -9.63
N PHE E 110 29.26 10.88 -10.31
CA PHE E 110 29.69 11.33 -11.63
C PHE E 110 29.88 12.84 -11.64
N TRP E 111 30.97 13.29 -12.26
CA TRP E 111 31.24 14.69 -12.52
C TRP E 111 31.23 14.96 -14.02
N GLY E 112 31.03 16.23 -14.36
CA GLY E 112 31.07 16.67 -15.75
C GLY E 112 32.49 17.03 -16.17
N GLN E 113 32.58 17.51 -17.41
CA GLN E 113 33.87 17.95 -17.97
C GLN E 113 34.15 19.42 -17.72
N GLY E 114 33.22 20.15 -17.11
CA GLY E 114 33.46 21.51 -16.70
C GLY E 114 33.43 22.50 -17.86
N THR E 115 33.36 23.78 -17.49
CA THR E 115 33.42 24.88 -18.43
C THR E 115 34.18 26.03 -17.78
N THR E 116 34.78 26.89 -18.60
CA THR E 116 35.63 27.95 -18.11
C THR E 116 34.95 29.31 -18.28
N LEU E 117 35.06 30.15 -17.26
CA LEU E 117 34.56 31.52 -17.28
C LEU E 117 35.65 32.45 -16.78
N THR E 118 35.88 33.54 -17.50
CA THR E 118 36.91 34.50 -17.17
C THR E 118 36.32 35.89 -17.02
N VAL E 119 36.75 36.60 -15.98
CA VAL E 119 36.32 37.97 -15.71
C VAL E 119 37.55 38.85 -15.64
N SER E 120 37.50 40.01 -16.30
CA SER E 120 38.62 40.92 -16.30
C SER E 120 38.83 41.50 -14.90
N SER E 121 40.07 41.87 -14.60
CA SER E 121 40.42 42.44 -13.31
C SER E 121 40.02 43.91 -13.24
N SER E 136 31.43 29.93 11.34
CA SER E 136 30.11 29.50 10.87
C SER E 136 30.23 28.26 10.00
N ASP E 137 30.66 28.45 8.76
CA ASP E 137 30.84 27.33 7.84
C ASP E 137 31.97 26.41 8.32
N ILE E 138 31.82 25.12 8.04
CA ILE E 138 32.85 24.17 8.40
C ILE E 138 34.06 24.38 7.51
N VAL E 139 35.24 24.52 8.12
CA VAL E 139 36.48 24.80 7.41
C VAL E 139 37.37 23.57 7.49
N MET E 140 37.83 23.10 6.34
CA MET E 140 38.74 21.96 6.27
C MET E 140 40.05 22.41 5.66
N THR E 141 41.16 22.06 6.32
CA THR E 141 42.49 22.45 5.88
C THR E 141 43.29 21.21 5.51
N GLN E 142 43.96 21.28 4.37
CA GLN E 142 44.80 20.18 3.90
C GLN E 142 46.22 20.37 4.42
N ALA E 143 46.85 19.27 4.84
CA ALA E 143 48.17 19.37 5.46
C ALA E 143 49.20 19.97 4.52
N THR E 144 49.20 19.54 3.26
CA THR E 144 50.22 19.95 2.30
C THR E 144 49.56 20.17 0.94
N SER E 145 50.38 20.54 -0.03
CA SER E 145 49.94 20.70 -1.42
C SER E 145 50.78 19.91 -2.41
N SER E 146 51.84 19.25 -1.97
CA SER E 146 52.67 18.43 -2.86
C SER E 146 53.41 17.40 -2.01
N VAL E 147 53.59 16.21 -2.57
CA VAL E 147 54.29 15.13 -1.88
C VAL E 147 54.94 14.23 -2.93
N PRO E 148 56.25 14.31 -3.16
CA PRO E 148 56.88 13.39 -4.10
C PRO E 148 56.81 11.95 -3.63
N VAL E 149 56.67 11.04 -4.58
CA VAL E 149 56.61 9.61 -4.30
C VAL E 149 56.87 8.86 -5.59
N THR E 150 57.32 7.61 -5.47
CA THR E 150 57.53 6.74 -6.61
C THR E 150 56.51 5.61 -6.62
N PRO E 151 56.22 5.02 -7.77
CA PRO E 151 55.22 3.94 -7.81
C PRO E 151 55.62 2.79 -6.90
N GLY E 152 54.63 2.20 -6.25
CA GLY E 152 54.84 1.08 -5.36
C GLY E 152 55.12 1.44 -3.91
N GLU E 153 55.38 2.70 -3.62
CA GLU E 153 55.64 3.16 -2.26
C GLU E 153 54.40 3.87 -1.74
N SER E 154 53.76 3.29 -0.73
CA SER E 154 52.42 3.73 -0.34
C SER E 154 52.44 5.17 0.13
N VAL E 155 51.31 5.85 -0.06
CA VAL E 155 51.13 7.24 0.31
C VAL E 155 49.86 7.36 1.14
N SER E 156 49.72 8.50 1.81
CA SER E 156 48.55 8.78 2.64
C SER E 156 48.23 10.27 2.56
N ILE E 157 47.20 10.61 1.80
CA ILE E 157 46.70 11.98 1.76
C ILE E 157 45.77 12.18 2.95
N SER E 158 45.67 13.42 3.42
CA SER E 158 44.87 13.70 4.61
C SER E 158 44.45 15.15 4.63
N CYS E 159 43.39 15.43 5.39
CA CYS E 159 42.93 16.78 5.65
C CYS E 159 42.16 16.78 6.96
N ARG E 160 42.09 17.95 7.59
CA ARG E 160 41.39 18.12 8.86
C ARG E 160 40.12 18.93 8.66
N SER E 161 39.25 18.90 9.66
CA SER E 161 37.96 19.58 9.62
C SER E 161 37.69 20.26 10.95
N SER E 162 36.88 21.32 10.90
CA SER E 162 36.53 22.06 12.11
C SER E 162 35.52 21.28 12.94
N LYS E 163 34.32 21.07 12.39
CA LYS E 163 33.29 20.31 13.08
C LYS E 163 33.52 18.82 12.87
N SER E 164 32.71 18.01 13.53
CA SER E 164 32.72 16.56 13.36
C SER E 164 31.65 16.20 12.34
N LEU E 165 32.07 15.70 11.17
CA LEU E 165 31.12 15.35 10.12
C LEU E 165 30.32 14.10 10.46
N LEU E 166 30.67 13.39 11.52
CA LEU E 166 29.94 12.19 11.92
C LEU E 166 28.56 12.60 12.43
N HIS E 167 27.55 12.40 11.59
CA HIS E 167 26.18 12.70 11.98
C HIS E 167 25.62 11.59 12.87
N SER E 168 24.45 11.85 13.46
CA SER E 168 23.81 10.85 14.29
C SER E 168 23.40 9.61 13.49
N ASN E 169 23.33 9.72 12.16
CA ASN E 169 23.02 8.55 11.34
C ASN E 169 24.13 7.51 11.38
N GLY E 170 25.30 7.86 11.91
CA GLY E 170 26.46 7.01 11.83
C GLY E 170 27.30 7.22 10.59
N ASN E 171 26.90 8.14 9.71
CA ASN E 171 27.59 8.37 8.44
C ASN E 171 28.49 9.59 8.57
N THR E 172 29.76 9.43 8.18
CA THR E 172 30.72 10.53 8.17
C THR E 172 30.75 11.13 6.78
N TYR E 173 29.99 12.20 6.59
CA TYR E 173 29.76 12.73 5.25
C TYR E 173 31.00 13.46 4.72
N LEU E 174 32.03 12.69 4.36
CA LEU E 174 33.25 13.21 3.77
C LEU E 174 33.54 12.43 2.50
N TYR E 175 33.90 13.13 1.43
CA TYR E 175 34.15 12.51 0.15
C TYR E 175 35.63 12.62 -0.21
N TRP E 176 36.01 11.93 -1.29
CA TRP E 176 37.38 11.98 -1.79
C TRP E 176 37.33 12.00 -3.31
N PHE E 177 37.67 13.14 -3.89
CA PHE E 177 37.75 13.31 -5.33
C PHE E 177 39.20 13.49 -5.74
N LEU E 178 39.54 12.96 -6.91
CA LEU E 178 40.89 13.06 -7.47
C LEU E 178 40.81 13.68 -8.85
N GLN E 179 41.41 14.86 -9.00
CA GLN E 179 41.41 15.60 -10.26
C GLN E 179 42.74 15.33 -10.97
N ARG E 180 42.68 14.58 -12.06
CA ARG E 180 43.88 14.27 -12.83
C ARG E 180 44.23 15.41 -13.77
N PRO E 181 45.51 15.54 -14.15
CA PRO E 181 45.90 16.63 -15.06
C PRO E 181 45.06 16.66 -16.33
N GLY E 182 44.40 17.79 -16.58
CA GLY E 182 43.62 17.95 -17.79
C GLY E 182 42.28 17.22 -17.78
N GLN E 183 41.86 16.69 -16.65
CA GLN E 183 40.59 15.98 -16.55
C GLN E 183 39.85 16.40 -15.30
N SER E 184 38.53 16.30 -15.35
CA SER E 184 37.69 16.73 -14.26
C SER E 184 37.80 15.76 -13.08
N PRO E 185 37.37 16.18 -11.89
CA PRO E 185 37.50 15.31 -10.71
C PRO E 185 36.80 13.97 -10.90
N GLN E 186 37.02 13.08 -9.95
CA GLN E 186 36.47 11.73 -10.01
C GLN E 186 36.30 11.18 -8.61
N LEU E 187 35.10 10.69 -8.31
CA LEU E 187 34.83 10.10 -7.01
C LEU E 187 35.73 8.89 -6.78
N LEU E 188 36.23 8.78 -5.56
CA LEU E 188 36.89 7.57 -5.09
C LEU E 188 36.20 6.97 -3.88
N ILE E 189 35.89 7.80 -2.89
CA ILE E 189 35.19 7.39 -1.68
C ILE E 189 34.00 8.32 -1.50
N TYR E 190 32.83 7.75 -1.17
CA TYR E 190 31.64 8.56 -1.01
C TYR E 190 31.14 8.70 0.43
N ARG E 191 31.49 7.81 1.35
CA ARG E 191 31.44 8.22 2.75
C ARG E 191 32.75 7.95 3.49
N MET E 192 33.15 6.68 3.57
CA MET E 192 34.44 6.30 4.14
C MET E 192 34.76 4.89 3.64
N SER E 193 35.83 4.76 2.85
CA SER E 193 36.28 3.50 2.28
C SER E 193 35.27 2.92 1.29
N ASN E 194 34.15 3.58 1.05
CA ASN E 194 33.10 3.05 0.18
C ASN E 194 33.49 3.34 -1.25
N LEU E 195 34.25 2.41 -1.84
CA LEU E 195 34.79 2.62 -3.18
C LEU E 195 33.66 2.80 -4.19
N ALA E 196 33.85 3.72 -5.13
CA ALA E 196 32.83 4.04 -6.10
C ALA E 196 32.86 3.08 -7.28
N SER E 197 32.11 3.39 -8.33
CA SER E 197 32.03 2.55 -9.52
C SER E 197 33.15 2.91 -10.49
N GLY E 198 33.85 1.89 -10.97
CA GLY E 198 34.93 2.09 -11.91
C GLY E 198 36.26 2.49 -11.30
N VAL E 199 36.40 2.41 -9.99
CA VAL E 199 37.62 2.80 -9.30
C VAL E 199 38.39 1.55 -8.91
N PRO E 200 39.70 1.49 -9.12
CA PRO E 200 40.46 0.31 -8.68
C PRO E 200 40.42 0.15 -7.17
N ASP E 201 40.48 -1.11 -6.73
CA ASP E 201 40.30 -1.43 -5.32
C ASP E 201 41.48 -1.02 -4.45
N ARG E 202 42.59 -0.56 -5.04
CA ARG E 202 43.75 -0.19 -4.23
C ARG E 202 43.44 0.98 -3.31
N PHE E 203 42.57 1.89 -3.75
CA PHE E 203 42.28 3.08 -2.97
C PHE E 203 41.51 2.72 -1.71
N SER E 204 41.61 3.59 -0.69
CA SER E 204 40.87 3.41 0.55
C SER E 204 40.80 4.75 1.28
N GLY E 205 39.77 4.88 2.10
CA GLY E 205 39.59 6.08 2.89
C GLY E 205 39.25 5.74 4.33
N SER E 206 39.74 6.59 5.23
CA SER E 206 39.57 6.35 6.66
C SER E 206 39.73 7.68 7.38
N GLY E 207 39.29 7.71 8.63
CA GLY E 207 39.37 8.90 9.46
C GLY E 207 38.47 8.76 10.67
N SER E 208 38.46 9.82 11.48
CA SER E 208 37.68 9.79 12.72
C SER E 208 37.32 11.22 13.10
N GLY E 209 36.08 11.62 12.82
CA GLY E 209 35.54 12.86 13.33
C GLY E 209 36.10 14.11 12.68
N THR E 210 37.38 14.39 12.92
CA THR E 210 38.01 15.60 12.41
C THR E 210 39.25 15.32 11.56
N ALA E 211 40.01 14.27 11.87
CA ALA E 211 41.20 13.91 11.11
C ALA E 211 40.84 12.80 10.14
N PHE E 212 41.12 13.01 8.86
CA PHE E 212 40.76 12.07 7.81
C PHE E 212 41.95 11.86 6.88
N THR E 213 42.06 10.64 6.34
CA THR E 213 43.18 10.29 5.49
C THR E 213 42.72 9.38 4.36
N LEU E 214 43.38 9.53 3.22
CA LEU E 214 43.16 8.67 2.04
C LEU E 214 44.44 7.90 1.78
N THR E 215 44.32 6.58 1.70
CA THR E 215 45.47 5.68 1.55
C THR E 215 45.45 5.03 0.18
N ILE E 216 46.63 4.91 -0.43
CA ILE E 216 46.79 4.27 -1.73
C ILE E 216 47.96 3.28 -1.63
N SER E 217 47.74 2.06 -2.09
CA SER E 217 48.78 1.04 -2.12
C SER E 217 49.07 0.64 -3.56
N ARG E 218 50.35 0.45 -3.87
CA ARG E 218 50.78 0.07 -5.22
C ARG E 218 50.31 1.10 -6.24
N LEU E 219 50.83 2.32 -6.09
CA LEU E 219 50.43 3.42 -6.95
C LEU E 219 50.80 3.16 -8.40
N GLU E 220 50.05 3.76 -9.31
CA GLU E 220 50.24 3.61 -10.74
C GLU E 220 50.40 5.00 -11.36
N ALA E 221 50.66 5.02 -12.68
CA ALA E 221 50.97 6.27 -13.35
C ALA E 221 49.77 7.22 -13.41
N GLU E 222 48.56 6.69 -13.20
CA GLU E 222 47.35 7.50 -13.33
C GLU E 222 46.89 8.11 -12.02
N ASP E 223 47.67 7.96 -10.93
CA ASP E 223 47.30 8.49 -9.63
C ASP E 223 47.86 9.88 -9.38
N VAL E 224 48.52 10.48 -10.37
CA VAL E 224 49.10 11.82 -10.22
C VAL E 224 48.02 12.85 -10.51
N GLY E 225 47.93 13.86 -9.67
CA GLY E 225 46.93 14.90 -9.76
C GLY E 225 46.80 15.62 -8.44
N VAL E 226 45.60 16.12 -8.18
CA VAL E 226 45.30 16.85 -6.95
C VAL E 226 44.16 16.14 -6.23
N TYR E 227 44.32 15.93 -4.93
CA TYR E 227 43.30 15.29 -4.11
C TYR E 227 42.49 16.36 -3.38
N TYR E 228 41.17 16.21 -3.39
CA TYR E 228 40.25 17.14 -2.74
C TYR E 228 39.35 16.38 -1.79
N CYS E 229 39.14 16.93 -0.60
CA CYS E 229 38.25 16.33 0.40
C CYS E 229 37.10 17.29 0.67
N MET E 230 35.87 16.82 0.45
CA MET E 230 34.68 17.63 0.52
C MET E 230 33.75 17.09 1.61
N GLN E 231 33.00 18.00 2.23
CA GLN E 231 32.12 17.68 3.33
C GLN E 231 30.68 17.99 2.97
N HIS E 232 29.76 17.13 3.42
CA HIS E 232 28.35 17.23 3.09
C HIS E 232 27.44 17.24 4.30
N LEU E 233 27.98 17.41 5.51
CA LEU E 233 27.15 17.36 6.70
C LEU E 233 26.14 18.51 6.73
N GLU E 234 26.61 19.72 6.41
CA GLU E 234 25.75 20.90 6.44
C GLU E 234 26.12 21.81 5.30
N TYR E 235 25.14 22.53 4.80
CA TYR E 235 25.41 23.48 3.73
C TYR E 235 25.94 24.79 4.31
N PRO E 236 26.73 25.56 3.54
CA PRO E 236 27.19 25.25 2.19
C PRO E 236 28.32 24.22 2.19
N LEU E 237 28.46 23.46 1.11
CA LEU E 237 29.54 22.49 0.99
C LEU E 237 30.86 23.24 0.83
N THR E 238 31.95 22.65 1.31
CA THR E 238 33.24 23.31 1.30
C THR E 238 34.32 22.31 0.92
N PHE E 239 35.19 22.71 -0.01
CA PHE E 239 36.30 21.88 -0.44
C PHE E 239 37.57 22.24 0.34
N GLY E 240 38.63 21.47 0.13
CA GLY E 240 39.92 21.73 0.72
C GLY E 240 40.86 22.41 -0.26
N ALA E 241 42.05 22.74 0.25
CA ALA E 241 43.04 23.44 -0.56
C ALA E 241 43.43 22.60 -1.79
N GLY E 242 43.70 21.32 -1.58
CA GLY E 242 44.08 20.44 -2.66
C GLY E 242 45.51 19.94 -2.54
N THR E 243 45.66 18.63 -2.30
CA THR E 243 46.98 18.02 -2.13
C THR E 243 47.42 17.39 -3.44
N LYS E 244 48.65 17.67 -3.84
CA LYS E 244 49.21 17.13 -5.08
C LYS E 244 50.20 16.01 -4.78
N LEU E 245 50.32 15.10 -5.73
CA LEU E 245 51.33 14.04 -5.70
C LEU E 245 52.31 14.27 -6.83
N GLU E 246 53.58 14.38 -6.49
CA GLU E 246 54.63 14.67 -7.46
C GLU E 246 55.22 13.39 -8.03
N LEU E 247 55.50 13.41 -9.32
CA LEU E 247 56.11 12.27 -10.00
C LEU E 247 57.10 12.74 -11.06
#